data_7T44
#
_entry.id   7T44
#
_cell.length_a   55.546
_cell.length_b   98.752
_cell.length_c   59.317
_cell.angle_alpha   90.00
_cell.angle_beta   108.34
_cell.angle_gamma   90.00
#
_symmetry.space_group_name_H-M   'P 1 21 1'
#
loop_
_entity.id
_entity.type
_entity.pdbx_description
1 polymer '3C-like proteinase'
2 non-polymer '(1R,2S)-2-[(N-{[(2-azaspiro[3.3]heptan-6-yl)oxy]carbonyl}-L-leucyl)amino]-1-hydroxy-3-[(3S)-2-oxopyrrolidin-3-yl]propane-1-sulfonic acid'
3 non-polymer '(1S,2S)-1-hydroxy-2-{[N-({[2-(methanesulfonyl)-2-azaspiro[3.3]heptan-6-yl]oxy}carbonyl)-L-leucyl]amino}-3-[(3S)-2-oxopyrrolidin-3-yl]propane-1-sulfonic acid'
4 non-polymer 'TETRAETHYLENE GLYCOL'
5 water water
#
_entity_poly.entity_id   1
_entity_poly.type   'polypeptide(L)'
_entity_poly.pdbx_seq_one_letter_code
;SNIGSGFRKMAFPSGKVEGCMVQVTCGTTTLNGLWLDDVVYCPRHVICTSEDMLNPNYEDLLIRKSNHNFLVQAGNVQLR
VIGHSMQNCVLKLKVDTANPKTPKYKFVRIQPGQTFSVLACYNGSPSGVYQCAMRPNFTIKGSFLNGSCGSVGFNIDYDC
VSFCYMHHMELPTGVHAGTDLEGNFYGPFVDRQTAQAAGTDTTITVNVLAWLYAAVINGDRWFLNRFTTTLNDFNLVAMK
YNYEPLTQDHVDILGPLSAQTGIAVLDMCASLKELLQNGMNGRTILGSALLEDEFTPFDVVRQCSGVTF
;
_entity_poly.pdbx_strand_id   A,B
#
loop_
_chem_comp.id
_chem_comp.type
_chem_comp.name
_chem_comp.formula
ESS non-polymer '(1R,2S)-2-[(N-{[(2-azaspiro[3.3]heptan-6-yl)oxy]carbonyl}-L-leucyl)amino]-1-hydroxy-3-[(3S)-2-oxopyrrolidin-3-yl]propane-1-sulfonic acid' 'C21 H36 N4 O10 S2'
ET6 non-polymer '(1S,2S)-1-hydroxy-2-{[N-({[2-(methanesulfonyl)-2-azaspiro[3.3]heptan-6-yl]oxy}carbonyl)-L-leucyl]amino}-3-[(3S)-2-oxopyrrolidin-3-yl]propane-1-sulfonic acid' 'C21 H36 N4 O10 S2'
PG4 non-polymer 'TETRAETHYLENE GLYCOL' 'C8 H18 O5'
#
# COMPACT_ATOMS: atom_id res chain seq x y z
N PHE A 7 -1.98 11.56 -5.83
CA PHE A 7 -2.26 11.34 -4.42
C PHE A 7 -2.79 9.93 -4.19
N ARG A 8 -2.07 9.14 -3.39
CA ARG A 8 -2.39 7.74 -3.20
C ARG A 8 -2.33 7.37 -1.72
N LYS A 9 -2.98 6.26 -1.38
CA LYS A 9 -2.90 5.77 -0.02
C LYS A 9 -1.49 5.28 0.28
N MET A 10 -1.03 5.61 1.47
CA MET A 10 0.33 5.30 1.90
C MET A 10 0.24 4.63 3.26
N ALA A 11 0.84 3.46 3.38
CA ALA A 11 0.88 2.77 4.65
C ALA A 11 2.17 3.15 5.40
N PHE A 12 2.15 2.95 6.72
CA PHE A 12 3.36 3.11 7.49
C PHE A 12 4.34 1.99 7.17
N PRO A 13 5.65 2.26 7.27
CA PRO A 13 6.62 1.16 7.15
C PRO A 13 6.32 0.09 8.19
N SER A 14 6.36 -1.16 7.75
CA SER A 14 5.83 -2.27 8.53
C SER A 14 6.89 -3.05 9.29
N GLY A 15 8.17 -2.71 9.16
CA GLY A 15 9.22 -3.54 9.72
C GLY A 15 9.10 -3.77 11.22
N LYS A 16 8.75 -2.72 11.98
CA LYS A 16 8.64 -2.87 13.42
C LYS A 16 7.57 -3.88 13.80
N VAL A 17 6.53 -4.01 12.97
CA VAL A 17 5.49 -5.00 13.23
C VAL A 17 5.88 -6.38 12.71
N GLU A 18 6.54 -6.44 11.55
CA GLU A 18 6.97 -7.74 11.00
C GLU A 18 7.76 -8.54 12.00
N GLY A 19 8.66 -7.87 12.75
CA GLY A 19 9.47 -8.54 13.74
C GLY A 19 8.72 -9.06 14.94
N CYS A 20 7.39 -8.88 14.98
CA CYS A 20 6.56 -9.37 16.05
C CYS A 20 5.62 -10.49 15.64
N MET A 21 5.55 -10.82 14.35
CA MET A 21 4.54 -11.77 13.90
C MET A 21 5.03 -13.19 14.09
N VAL A 22 4.15 -14.03 14.65
CA VAL A 22 4.41 -15.45 14.85
C VAL A 22 3.20 -16.24 14.41
N GLN A 23 3.35 -17.56 14.41
CA GLN A 23 2.30 -18.50 14.07
C GLN A 23 1.84 -19.20 15.34
N VAL A 24 0.52 -19.38 15.49
CA VAL A 24 -0.07 -20.06 16.64
C VAL A 24 -0.98 -21.17 16.12
N THR A 25 -0.81 -22.38 16.64
CA THR A 25 -1.57 -23.53 16.18
C THR A 25 -2.20 -24.26 17.36
N CYS A 26 -3.47 -24.65 17.19
CA CYS A 26 -4.18 -25.49 18.13
CA CYS A 26 -4.19 -25.48 18.13
C CYS A 26 -4.89 -26.56 17.32
N GLY A 27 -4.49 -27.81 17.50
CA GLY A 27 -5.08 -28.89 16.71
C GLY A 27 -4.77 -28.67 15.25
N THR A 28 -5.82 -28.50 14.43
CA THR A 28 -5.66 -28.19 13.02
C THR A 28 -6.06 -26.76 12.70
N THR A 29 -6.14 -25.89 13.70
CA THR A 29 -6.44 -24.48 13.49
C THR A 29 -5.15 -23.68 13.68
N THR A 30 -4.81 -22.86 12.69
CA THR A 30 -3.58 -22.09 12.70
C THR A 30 -3.89 -20.66 12.28
N LEU A 31 -3.33 -19.70 13.02
CA LEU A 31 -3.47 -18.30 12.66
C LEU A 31 -2.20 -17.56 13.11
N ASN A 32 -2.26 -16.24 13.06
CA ASN A 32 -1.11 -15.40 13.41
C ASN A 32 -1.24 -14.88 14.83
N GLY A 33 -0.08 -14.67 15.47
CA GLY A 33 -0.02 -14.01 16.74
C GLY A 33 0.96 -12.86 16.73
N LEU A 34 0.80 -11.99 17.71
CA LEU A 34 1.64 -10.80 17.90
C LEU A 34 2.47 -11.01 19.15
N TRP A 35 3.79 -11.05 19.00
CA TRP A 35 4.73 -11.41 20.05
C TRP A 35 5.39 -10.13 20.55
N LEU A 36 5.02 -9.70 21.75
CA LEU A 36 5.54 -8.48 22.37
C LEU A 36 6.11 -8.87 23.72
N ASP A 37 7.40 -8.59 23.92
CA ASP A 37 8.10 -9.04 25.12
C ASP A 37 7.93 -10.55 25.24
N ASP A 38 7.36 -11.04 26.35
CA ASP A 38 7.19 -12.47 26.53
C ASP A 38 5.74 -12.94 26.41
N VAL A 39 4.89 -12.19 25.69
CA VAL A 39 3.49 -12.54 25.53
C VAL A 39 3.14 -12.54 24.05
N VAL A 40 2.41 -13.57 23.61
CA VAL A 40 1.85 -13.65 22.27
C VAL A 40 0.35 -13.43 22.36
N TYR A 41 -0.15 -12.45 21.60
CA TYR A 41 -1.57 -12.13 21.52
C TYR A 41 -2.14 -12.69 20.23
N CYS A 42 -3.31 -13.31 20.31
CA CYS A 42 -3.90 -13.87 19.11
C CYS A 42 -5.39 -14.03 19.31
N PRO A 43 -6.16 -14.20 18.24
CA PRO A 43 -7.61 -14.40 18.39
C PRO A 43 -7.90 -15.70 19.14
N ARG A 44 -8.85 -15.63 20.06
CA ARG A 44 -9.14 -16.80 20.89
C ARG A 44 -9.75 -17.95 20.10
N HIS A 45 -10.33 -17.69 18.93
CA HIS A 45 -10.95 -18.78 18.16
C HIS A 45 -9.94 -19.78 17.61
N VAL A 46 -8.65 -19.57 17.85
CA VAL A 46 -7.65 -20.59 17.52
C VAL A 46 -7.91 -21.87 18.29
N ILE A 47 -8.54 -21.78 19.47
CA ILE A 47 -8.80 -22.98 20.27
C ILE A 47 -9.98 -23.79 19.76
N CYS A 48 -10.65 -23.33 18.71
CA CYS A 48 -11.85 -23.98 18.21
C CYS A 48 -11.51 -24.99 17.13
N THR A 49 -12.39 -25.98 16.99
CA THR A 49 -12.38 -26.89 15.86
C THR A 49 -13.46 -26.43 14.88
N SER A 50 -13.67 -27.23 13.82
CA SER A 50 -14.74 -26.92 12.88
C SER A 50 -16.10 -26.96 13.56
N GLU A 51 -16.31 -27.93 14.45
CA GLU A 51 -17.59 -28.04 15.14
C GLU A 51 -17.75 -26.98 16.23
N ASP A 52 -16.62 -26.47 16.76
CA ASP A 52 -16.70 -25.51 17.85
C ASP A 52 -17.10 -24.13 17.37
N MET A 53 -16.74 -23.78 16.13
CA MET A 53 -16.88 -22.40 15.68
C MET A 53 -18.33 -21.95 15.54
N LEU A 54 -19.27 -22.90 15.41
CA LEU A 54 -20.67 -22.51 15.17
C LEU A 54 -21.31 -21.86 16.39
N ASN A 55 -20.95 -22.29 17.59
CA ASN A 55 -21.47 -21.71 18.81
C ASN A 55 -20.49 -21.99 19.95
N PRO A 56 -19.37 -21.27 20.01
CA PRO A 56 -18.30 -21.63 20.94
C PRO A 56 -18.51 -21.04 22.33
N ASN A 57 -18.46 -21.91 23.34
CA ASN A 57 -18.42 -21.45 24.74
C ASN A 57 -16.95 -21.35 25.11
N TYR A 58 -16.40 -20.15 24.95
CA TYR A 58 -14.96 -19.99 25.01
C TYR A 58 -14.38 -20.26 26.39
N GLU A 59 -15.11 -19.94 27.47
CA GLU A 59 -14.59 -20.26 28.79
C GLU A 59 -14.51 -21.77 29.00
N ASP A 60 -15.50 -22.51 28.50
CA ASP A 60 -15.46 -23.97 28.59
C ASP A 60 -14.37 -24.55 27.70
N LEU A 61 -14.25 -24.03 26.47
CA LEU A 61 -13.23 -24.54 25.56
C LEU A 61 -11.83 -24.29 26.12
N LEU A 62 -11.64 -23.15 26.79
CA LEU A 62 -10.32 -22.78 27.27
C LEU A 62 -9.91 -23.56 28.52
N ILE A 63 -10.87 -23.84 29.40
CA ILE A 63 -10.53 -24.57 30.63
C ILE A 63 -10.01 -25.96 30.31
N ARG A 64 -10.40 -26.51 29.17
CA ARG A 64 -10.01 -27.84 28.76
C ARG A 64 -8.68 -27.87 28.01
N LYS A 65 -8.02 -26.72 27.85
CA LYS A 65 -6.74 -26.64 27.16
C LYS A 65 -5.60 -26.56 28.17
N SER A 66 -4.46 -27.15 27.79
CA SER A 66 -3.21 -27.04 28.52
C SER A 66 -2.26 -26.14 27.76
N ASN A 67 -1.19 -25.72 28.45
CA ASN A 67 -0.15 -24.94 27.79
C ASN A 67 0.43 -25.68 26.59
N HIS A 68 0.62 -26.99 26.71
CA HIS A 68 1.25 -27.75 25.62
C HIS A 68 0.34 -27.93 24.41
N ASN A 69 -0.94 -27.58 24.52
CA ASN A 69 -1.82 -27.63 23.36
C ASN A 69 -1.59 -26.49 22.39
N PHE A 70 -0.82 -25.47 22.78
CA PHE A 70 -0.56 -24.31 21.94
C PHE A 70 0.84 -24.44 21.33
N LEU A 71 0.90 -24.49 20.01
CA LEU A 71 2.17 -24.52 19.27
C LEU A 71 2.42 -23.13 18.69
N VAL A 72 3.44 -22.46 19.20
CA VAL A 72 3.82 -21.12 18.75
C VAL A 72 5.18 -21.22 18.06
N GLN A 73 5.25 -20.73 16.83
CA GLN A 73 6.48 -20.79 16.05
C GLN A 73 6.84 -19.39 15.56
N ALA A 74 8.06 -18.96 15.89
CA ALA A 74 8.64 -17.73 15.36
C ALA A 74 9.63 -18.16 14.29
N GLY A 75 9.23 -18.08 13.03
CA GLY A 75 10.00 -18.67 11.96
C GLY A 75 10.06 -20.18 12.11
N ASN A 76 11.27 -20.71 12.27
CA ASN A 76 11.46 -22.13 12.53
C ASN A 76 11.66 -22.45 14.01
N VAL A 77 11.76 -21.44 14.86
CA VAL A 77 12.00 -21.63 16.29
C VAL A 77 10.66 -21.74 17.00
N GLN A 78 10.51 -22.78 17.82
CA GLN A 78 9.30 -22.97 18.62
C GLN A 78 9.45 -22.24 19.94
N LEU A 79 8.40 -21.52 20.33
CA LEU A 79 8.36 -20.80 21.59
C LEU A 79 7.51 -21.58 22.58
N ARG A 80 8.08 -21.87 23.75
CA ARG A 80 7.41 -22.69 24.75
C ARG A 80 6.38 -21.87 25.50
N VAL A 81 5.12 -22.31 25.46
CA VAL A 81 4.04 -21.63 26.17
C VAL A 81 4.06 -22.03 27.63
N ILE A 82 4.27 -21.06 28.51
CA ILE A 82 4.37 -21.30 29.95
C ILE A 82 3.14 -20.79 30.70
N GLY A 83 2.13 -20.32 29.99
CA GLY A 83 0.94 -19.81 30.64
C GLY A 83 0.02 -19.24 29.60
N HIS A 84 -1.25 -19.12 29.98
CA HIS A 84 -2.25 -18.62 29.05
C HIS A 84 -3.40 -18.00 29.82
N SER A 85 -3.97 -16.95 29.25
CA SER A 85 -5.18 -16.32 29.78
C SER A 85 -5.93 -15.73 28.60
N MET A 86 -7.18 -15.39 28.86
CA MET A 86 -8.09 -14.83 27.86
C MET A 86 -8.54 -13.46 28.34
N GLN A 87 -8.48 -12.47 27.45
CA GLN A 87 -9.01 -11.15 27.73
C GLN A 87 -9.98 -10.83 26.61
N ASN A 88 -11.28 -10.82 26.92
CA ASN A 88 -12.30 -10.66 25.89
C ASN A 88 -12.06 -11.67 24.77
N CYS A 89 -11.91 -11.21 23.52
CA CYS A 89 -11.79 -12.13 22.40
C CYS A 89 -10.34 -12.42 22.00
N VAL A 90 -9.36 -12.02 22.82
CA VAL A 90 -7.95 -12.26 22.56
CA VAL A 90 -7.96 -12.30 22.53
C VAL A 90 -7.40 -13.25 23.58
N LEU A 91 -6.56 -14.15 23.12
CA LEU A 91 -5.81 -15.07 23.96
C LEU A 91 -4.42 -14.49 24.18
N LYS A 92 -3.93 -14.56 25.41
CA LYS A 92 -2.59 -14.09 25.76
C LYS A 92 -1.79 -15.29 26.20
N LEU A 93 -0.79 -15.67 25.40
CA LEU A 93 0.06 -16.82 25.69
C LEU A 93 1.41 -16.31 26.19
N LYS A 94 1.73 -16.61 27.45
CA LYS A 94 3.03 -16.26 27.98
C LYS A 94 4.05 -17.29 27.50
N VAL A 95 5.16 -16.81 26.96
CA VAL A 95 6.20 -17.68 26.44
C VAL A 95 7.47 -17.50 27.27
N ASP A 96 8.37 -18.48 27.14
CA ASP A 96 9.56 -18.49 27.99
C ASP A 96 10.70 -17.63 27.44
N THR A 97 10.53 -16.96 26.31
CA THR A 97 11.56 -16.12 25.75
C THR A 97 10.97 -14.78 25.32
N ALA A 98 11.72 -13.71 25.54
CA ALA A 98 11.28 -12.38 25.17
C ALA A 98 11.68 -12.06 23.73
N ASN A 99 10.83 -11.29 23.06
CA ASN A 99 11.12 -10.87 21.70
C ASN A 99 12.08 -9.69 21.72
N PRO A 100 13.32 -9.87 21.27
CA PRO A 100 14.27 -8.75 21.26
C PRO A 100 13.92 -7.67 20.26
N LYS A 101 13.02 -7.95 19.32
CA LYS A 101 12.59 -6.99 18.32
C LYS A 101 11.34 -6.22 18.73
N THR A 102 10.89 -6.38 19.98
CA THR A 102 9.71 -5.67 20.46
C THR A 102 9.93 -4.17 20.33
N PRO A 103 9.10 -3.45 19.57
CA PRO A 103 9.24 -2.00 19.50
C PRO A 103 8.59 -1.35 20.73
N LYS A 104 8.88 -0.07 20.89
CA LYS A 104 8.05 0.74 21.78
C LYS A 104 6.63 0.72 21.22
N TYR A 105 5.66 0.41 22.08
CA TYR A 105 4.31 0.24 21.57
C TYR A 105 3.27 0.67 22.59
N LYS A 106 2.07 0.90 22.08
CA LYS A 106 0.87 1.15 22.87
C LYS A 106 -0.28 0.39 22.21
N PHE A 107 -1.27 0.03 23.01
CA PHE A 107 -2.54 -0.46 22.50
C PHE A 107 -3.54 0.68 22.54
N VAL A 108 -4.17 0.96 21.41
CA VAL A 108 -5.13 2.04 21.32
C VAL A 108 -6.42 1.51 20.70
N ARG A 109 -7.53 2.11 21.10
CA ARG A 109 -8.80 1.85 20.45
C ARG A 109 -9.09 3.03 19.55
N ILE A 110 -9.15 2.78 18.24
CA ILE A 110 -9.31 3.89 17.31
C ILE A 110 -10.79 4.25 17.16
N GLN A 111 -11.02 5.45 16.75
CA GLN A 111 -12.33 6.03 16.52
C GLN A 111 -12.76 5.78 15.09
N PRO A 112 -14.05 5.62 14.85
CA PRO A 112 -14.53 5.52 13.47
C PRO A 112 -14.12 6.75 12.68
N GLY A 113 -13.71 6.52 11.43
CA GLY A 113 -13.19 7.56 10.58
C GLY A 113 -11.68 7.66 10.58
N GLN A 114 -11.02 7.09 11.57
CA GLN A 114 -9.56 7.11 11.60
C GLN A 114 -9.00 5.98 10.76
N THR A 115 -7.78 6.19 10.27
CA THR A 115 -7.12 5.22 9.41
C THR A 115 -5.99 4.51 10.15
N PHE A 116 -5.57 3.39 9.58
CA PHE A 116 -4.45 2.63 10.13
C PHE A 116 -3.90 1.74 9.03
N SER A 117 -2.68 1.26 9.24
CA SER A 117 -2.07 0.34 8.31
C SER A 117 -2.32 -1.08 8.77
N VAL A 118 -2.58 -1.98 7.81
CA VAL A 118 -2.77 -3.40 8.08
C VAL A 118 -1.58 -4.15 7.54
N LEU A 119 -0.98 -5.01 8.36
CA LEU A 119 0.03 -5.96 7.90
C LEU A 119 -0.65 -7.31 7.79
N ALA A 120 -1.02 -7.68 6.56
CA ALA A 120 -1.68 -8.96 6.35
C ALA A 120 -0.65 -10.07 6.39
N CYS A 121 -0.92 -11.10 7.18
CA CYS A 121 0.02 -12.18 7.45
C CYS A 121 -0.67 -13.52 7.27
N TYR A 122 0.13 -14.52 6.89
CA TYR A 122 -0.33 -15.90 6.74
C TYR A 122 0.75 -16.81 7.27
N ASN A 123 0.37 -17.75 8.15
CA ASN A 123 1.31 -18.67 8.78
C ASN A 123 2.43 -17.93 9.51
N GLY A 124 2.08 -16.78 10.11
CA GLY A 124 3.06 -15.98 10.80
C GLY A 124 4.03 -15.23 9.90
N SER A 125 3.80 -15.23 8.60
CA SER A 125 4.69 -14.57 7.65
CA SER A 125 4.69 -14.57 7.63
C SER A 125 3.98 -13.37 7.03
N PRO A 126 4.57 -12.17 7.11
CA PRO A 126 3.93 -11.00 6.52
C PRO A 126 3.81 -11.12 5.00
N SER A 127 2.68 -10.69 4.48
CA SER A 127 2.41 -10.80 3.05
CA SER A 127 2.37 -10.80 3.05
C SER A 127 2.17 -9.46 2.36
N GLY A 128 1.57 -8.49 3.02
CA GLY A 128 1.29 -7.22 2.37
C GLY A 128 0.92 -6.17 3.39
N VAL A 129 1.01 -4.92 2.98
CA VAL A 129 0.68 -3.80 3.85
CA VAL A 129 0.70 -3.78 3.84
C VAL A 129 -0.17 -2.80 3.09
N TYR A 130 -1.23 -2.32 3.74
CA TYR A 130 -2.14 -1.39 3.09
C TYR A 130 -2.89 -0.60 4.14
N GLN A 131 -3.42 0.55 3.71
CA GLN A 131 -4.14 1.44 4.59
C GLN A 131 -5.64 1.12 4.57
N CYS A 132 -6.25 1.18 5.75
CA CYS A 132 -7.69 0.98 5.93
C CYS A 132 -8.21 2.09 6.84
N ALA A 133 -9.52 2.29 6.83
CA ALA A 133 -10.17 3.16 7.80
C ALA A 133 -11.13 2.33 8.64
N MET A 134 -11.24 2.68 9.90
CA MET A 134 -12.35 2.17 10.71
C MET A 134 -13.61 2.89 10.27
N ARG A 135 -14.52 2.16 9.66
CA ARG A 135 -15.70 2.78 9.09
C ARG A 135 -16.73 3.10 10.16
N PRO A 136 -17.67 4.01 9.88
CA PRO A 136 -18.65 4.38 10.90
C PRO A 136 -19.47 3.22 11.42
N ASN A 137 -19.75 2.22 10.59
CA ASN A 137 -20.44 1.01 11.05
C ASN A 137 -19.48 -0.02 11.66
N PHE A 138 -18.22 0.36 11.89
CA PHE A 138 -17.23 -0.45 12.60
C PHE A 138 -16.79 -1.69 11.82
N THR A 139 -16.95 -1.69 10.51
CA THR A 139 -16.28 -2.66 9.66
C THR A 139 -15.05 -2.00 9.04
N ILE A 140 -14.19 -2.83 8.46
CA ILE A 140 -13.09 -2.32 7.64
C ILE A 140 -13.15 -3.00 6.28
N LYS A 141 -12.82 -2.25 5.25
CA LYS A 141 -12.74 -2.82 3.91
C LYS A 141 -11.32 -3.33 3.76
N GLY A 142 -11.10 -4.55 4.25
CA GLY A 142 -9.80 -5.16 4.21
C GLY A 142 -9.65 -6.10 3.04
N SER A 143 -8.45 -6.67 2.95
CA SER A 143 -8.12 -7.72 2.00
CA SER A 143 -8.12 -7.72 2.00
C SER A 143 -7.55 -8.84 2.86
N PHE A 144 -8.41 -9.76 3.28
CA PHE A 144 -8.04 -10.84 4.18
C PHE A 144 -8.58 -12.15 3.64
N LEU A 145 -7.74 -13.16 3.61
CA LEU A 145 -8.10 -14.49 3.14
C LEU A 145 -8.07 -15.47 4.31
N ASN A 146 -8.34 -16.74 4.02
CA ASN A 146 -8.16 -17.78 5.03
C ASN A 146 -6.75 -17.72 5.60
N GLY A 147 -6.66 -17.88 6.92
CA GLY A 147 -5.38 -17.86 7.61
C GLY A 147 -4.89 -16.47 8.00
N SER A 148 -5.64 -15.43 7.69
CA SER A 148 -5.20 -14.06 7.98
C SER A 148 -5.47 -13.64 9.41
N CYS A 149 -6.26 -14.38 10.17
CA CYS A 149 -6.63 -13.93 11.50
C CYS A 149 -5.41 -13.72 12.37
N GLY A 150 -5.47 -12.71 13.22
CA GLY A 150 -4.32 -12.31 14.00
C GLY A 150 -3.46 -11.28 13.33
N SER A 151 -3.64 -11.04 12.03
CA SER A 151 -3.03 -9.88 11.41
C SER A 151 -3.47 -8.63 12.16
N VAL A 152 -2.59 -7.64 12.24
CA VAL A 152 -2.87 -6.46 13.04
C VAL A 152 -2.87 -5.19 12.21
N GLY A 153 -3.57 -4.19 12.75
CA GLY A 153 -3.55 -2.84 12.23
C GLY A 153 -2.85 -1.92 13.22
N PHE A 154 -2.21 -0.87 12.70
CA PHE A 154 -1.37 -0.04 13.56
C PHE A 154 -1.13 1.32 12.90
N ASN A 155 -0.72 2.26 13.75
CA ASN A 155 -0.16 3.54 13.30
C ASN A 155 1.19 3.69 13.99
N ILE A 156 2.06 4.53 13.41
CA ILE A 156 3.40 4.74 13.94
C ILE A 156 3.61 6.24 14.14
N ASP A 157 4.03 6.61 15.35
CA ASP A 157 4.30 8.00 15.69
C ASP A 157 5.62 8.04 16.46
N TYR A 158 6.66 8.56 15.81
CA TYR A 158 7.99 8.71 16.40
C TYR A 158 8.48 7.40 17.03
N ASP A 159 8.62 6.39 16.19
CA ASP A 159 9.13 5.06 16.53
C ASP A 159 8.24 4.25 17.46
N CYS A 160 7.10 4.79 17.89
CA CYS A 160 6.18 4.06 18.76
C CYS A 160 5.03 3.51 17.94
N VAL A 161 4.81 2.20 18.04
CA VAL A 161 3.76 1.54 17.27
C VAL A 161 2.49 1.51 18.12
N SER A 162 1.43 2.11 17.61
CA SER A 162 0.12 2.07 18.26
C SER A 162 -0.71 1.01 17.56
N PHE A 163 -0.85 -0.16 18.20
CA PHE A 163 -1.67 -1.24 17.66
C PHE A 163 -3.14 -0.96 17.97
N CYS A 164 -3.98 -1.04 16.94
CA CYS A 164 -5.38 -0.69 17.11
C CYS A 164 -6.34 -1.77 16.63
N TYR A 165 -5.87 -2.78 15.91
CA TYR A 165 -6.80 -3.74 15.31
C TYR A 165 -6.14 -5.10 15.25
N MET A 166 -6.94 -6.15 15.50
CA MET A 166 -6.55 -7.52 15.26
C MET A 166 -7.69 -8.20 14.50
N HIS A 167 -7.34 -8.95 13.47
CA HIS A 167 -8.34 -9.45 12.54
C HIS A 167 -8.98 -10.76 13.00
N HIS A 168 -10.33 -10.83 12.89
CA HIS A 168 -11.08 -12.03 13.33
C HIS A 168 -12.02 -12.63 12.29
N MET A 169 -12.65 -11.84 11.43
N MET A 169 -12.68 -11.81 11.46
CA MET A 169 -13.71 -12.45 10.64
CA MET A 169 -13.91 -12.23 10.78
C MET A 169 -14.08 -11.62 9.43
C MET A 169 -14.06 -11.58 9.41
N GLU A 170 -14.78 -12.27 8.52
CA GLU A 170 -15.31 -11.66 7.30
CA GLU A 170 -15.29 -11.68 7.30
C GLU A 170 -16.82 -11.73 7.33
N LEU A 171 -17.46 -10.72 6.80
CA LEU A 171 -18.91 -10.67 6.71
C LEU A 171 -19.38 -11.06 5.32
N PRO A 172 -20.64 -11.44 5.15
CA PRO A 172 -21.12 -11.86 3.81
C PRO A 172 -20.96 -10.80 2.73
N THR A 173 -20.98 -9.52 3.09
CA THR A 173 -20.80 -8.45 2.10
C THR A 173 -19.35 -8.28 1.66
N GLY A 174 -18.42 -9.04 2.23
CA GLY A 174 -17.03 -8.94 1.86
C GLY A 174 -16.19 -8.01 2.71
N VAL A 175 -16.80 -7.32 3.67
CA VAL A 175 -16.06 -6.47 4.60
C VAL A 175 -15.62 -7.29 5.79
N HIS A 176 -14.86 -6.67 6.69
CA HIS A 176 -14.16 -7.41 7.74
C HIS A 176 -14.40 -6.80 9.10
N ALA A 177 -14.22 -7.64 10.12
CA ALA A 177 -14.46 -7.25 11.50
C ALA A 177 -13.39 -7.83 12.41
N GLY A 178 -13.08 -7.06 13.45
CA GLY A 178 -12.08 -7.51 14.38
C GLY A 178 -12.15 -6.71 15.66
N THR A 179 -11.10 -6.84 16.46
CA THR A 179 -11.05 -6.31 17.81
C THR A 179 -9.89 -5.33 17.96
N ASP A 180 -9.90 -4.61 19.08
CA ASP A 180 -8.70 -3.95 19.52
C ASP A 180 -7.79 -4.98 20.20
N LEU A 181 -6.64 -4.55 20.71
CA LEU A 181 -5.72 -5.50 21.32
C LEU A 181 -6.09 -5.88 22.74
N GLU A 182 -7.15 -5.29 23.28
CA GLU A 182 -7.79 -5.80 24.50
C GLU A 182 -8.85 -6.84 24.19
N GLY A 183 -9.08 -7.15 22.91
CA GLY A 183 -10.01 -8.19 22.55
C GLY A 183 -11.44 -7.77 22.43
N ASN A 184 -11.74 -6.48 22.48
CA ASN A 184 -13.10 -5.99 22.31
C ASN A 184 -13.36 -5.70 20.85
N PHE A 185 -14.44 -6.28 20.31
CA PHE A 185 -14.77 -6.02 18.92
C PHE A 185 -15.07 -4.55 18.69
N TYR A 186 -14.69 -4.09 17.51
CA TYR A 186 -15.32 -2.90 16.95
C TYR A 186 -16.65 -3.36 16.35
N GLY A 187 -17.74 -2.74 16.77
CA GLY A 187 -19.03 -3.05 16.18
C GLY A 187 -19.77 -4.16 16.89
N PRO A 188 -20.97 -4.45 16.40
CA PRO A 188 -21.86 -5.42 17.08
C PRO A 188 -21.61 -6.86 16.66
N PHE A 189 -20.36 -7.22 16.43
CA PHE A 189 -20.02 -8.52 15.89
C PHE A 189 -19.53 -9.46 16.99
N VAL A 190 -19.57 -10.76 16.68
CA VAL A 190 -19.26 -11.80 17.64
C VAL A 190 -18.37 -12.83 16.95
N ASP A 191 -17.40 -13.36 17.69
CA ASP A 191 -16.50 -14.37 17.13
C ASP A 191 -17.15 -15.76 17.17
N ARG A 192 -18.18 -15.91 16.33
CA ARG A 192 -18.78 -17.20 16.04
C ARG A 192 -18.97 -17.33 14.54
N GLN A 193 -19.07 -18.57 14.06
CA GLN A 193 -19.13 -18.85 12.62
C GLN A 193 -20.57 -18.72 12.15
N THR A 194 -21.00 -17.47 11.99
CA THR A 194 -22.32 -17.15 11.49
C THR A 194 -22.21 -15.97 10.53
N ALA A 195 -23.19 -15.87 9.63
CA ALA A 195 -23.28 -14.74 8.73
C ALA A 195 -23.82 -13.55 9.52
N GLN A 196 -23.04 -12.48 9.61
CA GLN A 196 -23.41 -11.31 10.39
C GLN A 196 -23.46 -10.08 9.50
N ALA A 197 -24.55 -9.33 9.57
CA ALA A 197 -24.68 -8.07 8.86
C ALA A 197 -24.27 -6.92 9.76
N ALA A 198 -23.75 -5.86 9.15
CA ALA A 198 -23.40 -4.64 9.85
C ALA A 198 -24.54 -3.63 9.74
N GLY A 199 -24.45 -2.58 10.55
CA GLY A 199 -25.31 -1.43 10.39
C GLY A 199 -25.01 -0.70 9.08
N THR A 200 -25.81 0.33 8.82
CA THR A 200 -25.68 1.08 7.57
C THR A 200 -24.29 1.69 7.45
N ASP A 201 -23.69 1.54 6.26
CA ASP A 201 -22.32 1.98 6.00
C ASP A 201 -22.35 3.43 5.53
N THR A 202 -22.22 4.35 6.47
CA THR A 202 -22.25 5.77 6.16
C THR A 202 -20.86 6.25 5.74
N THR A 203 -20.83 7.39 5.05
CA THR A 203 -19.60 7.92 4.49
C THR A 203 -18.96 8.93 5.43
N ILE A 204 -17.62 8.87 5.53
CA ILE A 204 -16.86 9.69 6.49
C ILE A 204 -16.67 11.08 5.86
N THR A 205 -17.54 12.02 6.23
CA THR A 205 -17.62 13.30 5.55
C THR A 205 -16.32 14.11 5.69
N VAL A 206 -15.77 14.17 6.90
CA VAL A 206 -14.54 14.96 7.09
C VAL A 206 -13.42 14.45 6.20
N ASN A 207 -13.38 13.14 5.96
CA ASN A 207 -12.36 12.56 5.09
C ASN A 207 -12.63 12.90 3.63
N VAL A 208 -13.90 12.86 3.19
CA VAL A 208 -14.22 13.28 1.82
C VAL A 208 -13.77 14.72 1.59
N LEU A 209 -14.04 15.59 2.56
CA LEU A 209 -13.61 16.99 2.43
C LEU A 209 -12.09 17.09 2.33
N ALA A 210 -11.36 16.32 3.14
CA ALA A 210 -9.91 16.35 3.07
C ALA A 210 -9.43 15.91 1.68
N TRP A 211 -10.08 14.91 1.12
CA TRP A 211 -9.70 14.39 -0.20
C TRP A 211 -10.01 15.40 -1.31
N LEU A 212 -11.13 16.13 -1.19
CA LEU A 212 -11.39 17.20 -2.15
C LEU A 212 -10.34 18.30 -2.06
N TYR A 213 -9.90 18.63 -0.84
CA TYR A 213 -8.79 19.56 -0.68
C TYR A 213 -7.52 19.02 -1.35
N ALA A 214 -7.25 17.73 -1.18
CA ALA A 214 -6.10 17.12 -1.85
C ALA A 214 -6.21 17.24 -3.36
N ALA A 215 -7.42 17.07 -3.91
CA ALA A 215 -7.62 17.24 -5.34
C ALA A 215 -7.34 18.67 -5.78
N VAL A 216 -7.66 19.64 -4.92
CA VAL A 216 -7.38 21.04 -5.22
C VAL A 216 -5.89 21.31 -5.20
N ILE A 217 -5.21 20.86 -4.13
CA ILE A 217 -3.75 20.98 -4.06
C ILE A 217 -3.08 20.36 -5.28
N ASN A 218 -3.66 19.27 -5.80
CA ASN A 218 -3.11 18.59 -6.97
C ASN A 218 -3.43 19.31 -8.27
N GLY A 219 -4.35 20.26 -8.27
CA GLY A 219 -4.69 21.04 -9.45
C GLY A 219 -6.10 20.86 -9.95
N ASP A 220 -6.82 19.84 -9.49
CA ASP A 220 -8.20 19.63 -9.91
C ASP A 220 -9.12 20.57 -9.14
N ARG A 221 -10.04 21.23 -9.86
CA ARG A 221 -11.02 22.07 -9.19
C ARG A 221 -12.32 22.26 -9.98
N TRP A 222 -12.62 21.36 -10.92
CA TRP A 222 -13.86 21.48 -11.68
C TRP A 222 -15.09 21.42 -10.78
N PHE A 223 -14.98 20.82 -9.60
CA PHE A 223 -16.09 20.63 -8.68
C PHE A 223 -16.34 21.81 -7.76
N LEU A 224 -15.46 22.81 -7.75
CA LEU A 224 -15.65 23.97 -6.88
C LEU A 224 -16.79 24.85 -7.40
N ASN A 225 -17.35 25.64 -6.49
CA ASN A 225 -18.42 26.57 -6.87
C ASN A 225 -18.33 27.81 -6.01
N ARG A 226 -19.08 28.82 -6.39
CA ARG A 226 -19.24 30.04 -5.60
C ARG A 226 -20.42 29.97 -4.65
N PHE A 227 -21.18 28.87 -4.67
CA PHE A 227 -22.29 28.70 -3.75
C PHE A 227 -21.79 28.58 -2.31
N THR A 228 -22.68 28.82 -1.36
CA THR A 228 -22.35 28.84 0.04
C THR A 228 -23.35 27.99 0.82
N THR A 229 -22.97 27.64 2.05
CA THR A 229 -23.84 26.86 2.91
C THR A 229 -23.50 27.14 4.36
N THR A 230 -24.49 26.97 5.23
CA THR A 230 -24.22 26.93 6.66
C THR A 230 -23.88 25.50 7.06
N LEU A 231 -23.30 25.37 8.24
CA LEU A 231 -22.96 24.03 8.74
C LEU A 231 -24.21 23.18 8.92
N ASN A 232 -25.27 23.75 9.51
CA ASN A 232 -26.49 22.99 9.72
C ASN A 232 -27.12 22.56 8.41
N ASP A 233 -27.21 23.47 7.44
CA ASP A 233 -27.82 23.11 6.17
C ASP A 233 -27.00 22.07 5.43
N PHE A 234 -25.67 22.14 5.54
CA PHE A 234 -24.85 21.09 4.97
C PHE A 234 -25.16 19.74 5.61
N ASN A 235 -25.26 19.72 6.93
CA ASN A 235 -25.47 18.46 7.64
C ASN A 235 -26.83 17.85 7.34
N LEU A 236 -27.84 18.68 7.07
CA LEU A 236 -29.13 18.14 6.64
C LEU A 236 -28.98 17.39 5.33
N VAL A 237 -28.25 17.97 4.37
CA VAL A 237 -28.05 17.28 3.10
C VAL A 237 -27.17 16.04 3.31
N ALA A 238 -26.12 16.17 4.12
CA ALA A 238 -25.24 15.03 4.39
C ALA A 238 -26.01 13.85 4.96
N MET A 239 -26.87 14.10 5.95
CA MET A 239 -27.65 13.01 6.54
C MET A 239 -28.57 12.38 5.50
N LYS A 240 -29.12 13.18 4.59
CA LYS A 240 -30.01 12.64 3.57
C LYS A 240 -29.30 11.65 2.65
N TYR A 241 -27.99 11.84 2.44
CA TYR A 241 -27.19 10.97 1.59
C TYR A 241 -26.34 9.97 2.38
N ASN A 242 -26.71 9.70 3.63
CA ASN A 242 -25.98 8.78 4.50
CA ASN A 242 -25.98 8.76 4.48
C ASN A 242 -24.50 9.15 4.63
N TYR A 243 -24.25 10.44 4.79
CA TYR A 243 -22.94 10.95 5.15
C TYR A 243 -22.96 11.27 6.64
N GLU A 244 -21.83 11.05 7.31
CA GLU A 244 -21.75 11.34 8.73
C GLU A 244 -21.86 12.84 8.97
N PRO A 245 -22.38 13.24 10.13
CA PRO A 245 -22.40 14.66 10.46
C PRO A 245 -21.00 15.25 10.48
N LEU A 246 -20.90 16.51 10.09
CA LEU A 246 -19.67 17.28 10.22
C LEU A 246 -19.80 18.15 11.47
N THR A 247 -18.88 17.96 12.42
CA THR A 247 -18.89 18.73 13.65
C THR A 247 -17.99 19.96 13.51
N GLN A 248 -18.10 20.86 14.48
CA GLN A 248 -17.22 22.02 14.51
C GLN A 248 -15.77 21.59 14.70
N ASP A 249 -15.54 20.54 15.48
CA ASP A 249 -14.20 19.98 15.60
C ASP A 249 -13.65 19.57 14.23
N HIS A 250 -14.47 18.93 13.41
CA HIS A 250 -14.05 18.58 12.05
C HIS A 250 -13.69 19.82 11.25
N VAL A 251 -14.52 20.87 11.33
CA VAL A 251 -14.20 22.12 10.66
C VAL A 251 -12.85 22.64 11.14
N ASP A 252 -12.62 22.61 12.46
CA ASP A 252 -11.34 23.05 13.00
C ASP A 252 -10.19 22.20 12.47
N ILE A 253 -10.38 20.88 12.46
CA ILE A 253 -9.36 19.96 11.96
C ILE A 253 -8.99 20.26 10.51
N LEU A 254 -9.98 20.69 9.72
CA LEU A 254 -9.75 21.03 8.32
C LEU A 254 -9.09 22.39 8.14
N GLY A 255 -8.81 23.10 9.23
CA GLY A 255 -8.22 24.41 9.18
C GLY A 255 -6.98 24.53 8.31
N PRO A 256 -5.95 23.72 8.60
CA PRO A 256 -4.71 23.83 7.81
C PRO A 256 -4.92 23.64 6.31
N LEU A 257 -5.70 22.63 5.91
CA LEU A 257 -5.96 22.43 4.49
C LEU A 257 -6.72 23.61 3.90
N SER A 258 -7.62 24.21 4.69
CA SER A 258 -8.37 25.36 4.21
C SER A 258 -7.47 26.58 4.00
N ALA A 259 -6.58 26.83 4.95
CA ALA A 259 -5.66 27.96 4.83
C ALA A 259 -4.72 27.77 3.65
N GLN A 260 -4.22 26.55 3.45
CA GLN A 260 -3.27 26.30 2.38
C GLN A 260 -3.87 26.56 1.01
N THR A 261 -5.15 26.21 0.83
CA THR A 261 -5.82 26.36 -0.45
C THR A 261 -6.61 27.66 -0.57
N GLY A 262 -6.81 28.37 0.54
CA GLY A 262 -7.66 29.55 0.50
C GLY A 262 -9.13 29.26 0.28
N ILE A 263 -9.58 28.05 0.58
CA ILE A 263 -10.97 27.67 0.41
C ILE A 263 -11.56 27.43 1.79
N ALA A 264 -12.57 28.22 2.15
CA ALA A 264 -13.22 28.05 3.44
C ALA A 264 -13.84 26.66 3.52
N VAL A 265 -13.84 26.11 4.73
CA VAL A 265 -14.38 24.76 4.96
C VAL A 265 -15.83 24.69 4.46
N LEU A 266 -16.65 25.67 4.87
CA LEU A 266 -18.05 25.66 4.44
C LEU A 266 -18.20 25.86 2.94
N ASP A 267 -17.22 26.50 2.28
CA ASP A 267 -17.27 26.57 0.82
C ASP A 267 -16.99 25.20 0.19
N MET A 268 -16.06 24.44 0.78
CA MET A 268 -15.87 23.07 0.30
C MET A 268 -17.08 22.19 0.60
N CYS A 269 -17.75 22.45 1.74
CA CYS A 269 -19.02 21.76 2.01
C CYS A 269 -20.04 22.04 0.93
N ALA A 270 -20.10 23.28 0.43
CA ALA A 270 -21.04 23.61 -0.63
C ALA A 270 -20.68 22.89 -1.93
N SER A 271 -19.39 22.70 -2.20
CA SER A 271 -19.01 21.92 -3.37
C SER A 271 -19.40 20.46 -3.22
N LEU A 272 -19.19 19.88 -2.04
CA LEU A 272 -19.57 18.49 -1.80
C LEU A 272 -21.08 18.32 -1.89
N LYS A 273 -21.84 19.31 -1.40
CA LYS A 273 -23.30 19.24 -1.50
C LYS A 273 -23.75 19.13 -2.95
N GLU A 274 -23.12 19.91 -3.83
CA GLU A 274 -23.46 19.82 -5.25
C GLU A 274 -23.12 18.45 -5.82
N LEU A 275 -21.98 17.90 -5.42
CA LEU A 275 -21.59 16.57 -5.89
C LEU A 275 -22.60 15.51 -5.46
N LEU A 276 -23.08 15.59 -4.22
CA LEU A 276 -24.09 14.64 -3.76
C LEU A 276 -25.40 14.80 -4.51
N GLN A 277 -25.80 16.05 -4.78
CA GLN A 277 -27.11 16.30 -5.38
C GLN A 277 -27.09 16.07 -6.89
N ASN A 278 -26.00 16.41 -7.56
CA ASN A 278 -25.93 16.31 -9.01
C ASN A 278 -25.10 15.14 -9.51
N GLY A 279 -24.18 14.62 -8.71
CA GLY A 279 -23.27 13.59 -9.18
C GLY A 279 -22.03 14.18 -9.80
N MET A 280 -21.16 13.29 -10.26
CA MET A 280 -19.92 13.70 -10.90
C MET A 280 -20.03 13.75 -12.42
N ASN A 281 -21.13 13.26 -12.99
CA ASN A 281 -21.40 13.37 -14.43
C ASN A 281 -20.28 12.77 -15.28
N GLY A 282 -19.86 11.57 -14.91
CA GLY A 282 -18.85 10.85 -15.68
C GLY A 282 -17.44 11.32 -15.41
N ARG A 283 -17.32 12.52 -14.84
CA ARG A 283 -16.02 13.07 -14.52
C ARG A 283 -15.38 12.31 -13.36
N THR A 284 -14.09 12.51 -13.18
CA THR A 284 -13.34 11.85 -12.12
C THR A 284 -12.61 12.88 -11.29
N ILE A 285 -12.32 12.51 -10.04
CA ILE A 285 -11.55 13.33 -9.13
C ILE A 285 -10.39 12.49 -8.63
N LEU A 286 -9.16 12.97 -8.87
CA LEU A 286 -7.95 12.23 -8.50
C LEU A 286 -7.97 10.83 -9.12
N GLY A 287 -8.49 10.74 -10.34
CA GLY A 287 -8.59 9.48 -11.05
C GLY A 287 -9.73 8.58 -10.61
N SER A 288 -10.48 8.96 -9.58
CA SER A 288 -11.53 8.12 -9.04
C SER A 288 -12.90 8.57 -9.54
N ALA A 289 -13.74 7.61 -9.91
CA ALA A 289 -15.12 7.87 -10.28
C ALA A 289 -16.04 8.00 -9.08
N LEU A 290 -15.53 7.76 -7.87
CA LEU A 290 -16.32 7.80 -6.65
C LEU A 290 -15.65 8.72 -5.65
N LEU A 291 -16.45 9.23 -4.72
CA LEU A 291 -15.93 10.09 -3.65
C LEU A 291 -15.20 9.22 -2.63
N GLU A 292 -13.93 9.51 -2.40
CA GLU A 292 -13.10 8.70 -1.52
CA GLU A 292 -13.08 8.71 -1.52
C GLU A 292 -13.17 9.24 -0.10
N ASP A 293 -13.37 8.33 0.87
CA ASP A 293 -13.55 8.75 2.25
C ASP A 293 -12.59 8.08 3.24
N GLU A 294 -11.49 7.49 2.77
CA GLU A 294 -10.54 6.85 3.68
C GLU A 294 -9.19 7.56 3.75
N PHE A 295 -9.15 8.86 3.48
CA PHE A 295 -8.00 9.71 3.77
C PHE A 295 -8.43 10.70 4.85
N THR A 296 -7.77 10.66 6.00
CA THR A 296 -8.03 11.65 7.03
C THR A 296 -7.36 12.97 6.65
N PRO A 297 -7.74 14.07 7.30
CA PRO A 297 -6.97 15.32 7.13
C PRO A 297 -5.49 15.15 7.40
N PHE A 298 -5.13 14.37 8.42
CA PHE A 298 -3.72 14.11 8.72
C PHE A 298 -3.06 13.33 7.59
N ASP A 299 -3.76 12.34 7.03
CA ASP A 299 -3.20 11.58 5.92
C ASP A 299 -2.90 12.47 4.74
N VAL A 300 -3.77 13.45 4.47
CA VAL A 300 -3.56 14.36 3.35
C VAL A 300 -2.33 15.22 3.58
N VAL A 301 -2.23 15.82 4.79
CA VAL A 301 -1.13 16.74 5.08
C VAL A 301 0.21 16.05 4.97
N ARG A 302 0.24 14.80 5.40
CA ARG A 302 1.51 14.01 5.36
C ARG A 302 2.04 13.85 3.94
N GLN A 303 1.21 14.04 2.91
CA GLN A 303 1.71 13.94 1.51
C GLN A 303 1.75 15.31 0.83
N CYS A 304 1.09 16.32 1.39
CA CYS A 304 0.85 17.55 0.62
C CYS A 304 1.75 18.67 1.16
N PHE B 7 -10.60 -5.35 -4.83
CA PHE B 7 -9.16 -5.24 -5.01
C PHE B 7 -8.65 -3.88 -4.55
N ARG B 8 -7.43 -3.86 -4.03
CA ARG B 8 -6.80 -2.64 -3.55
C ARG B 8 -5.31 -2.74 -3.81
N LYS B 9 -4.66 -1.59 -3.90
CA LYS B 9 -3.20 -1.57 -3.99
C LYS B 9 -2.62 -2.05 -2.67
N MET B 10 -1.79 -3.09 -2.72
CA MET B 10 -1.17 -3.69 -1.55
C MET B 10 0.33 -3.68 -1.77
N ALA B 11 1.07 -3.09 -0.85
CA ALA B 11 2.52 -3.05 -0.96
C ALA B 11 3.11 -4.29 -0.29
N PHE B 12 4.36 -4.60 -0.64
CA PHE B 12 5.07 -5.63 0.10
C PHE B 12 5.48 -5.11 1.47
N PRO B 13 5.60 -5.99 2.47
CA PRO B 13 6.15 -5.58 3.76
C PRO B 13 7.52 -4.96 3.55
N SER B 14 7.76 -3.84 4.20
CA SER B 14 8.90 -3.02 3.87
C SER B 14 10.10 -3.24 4.78
N GLY B 15 10.01 -4.12 5.78
CA GLY B 15 11.05 -4.23 6.78
C GLY B 15 12.42 -4.58 6.21
N LYS B 16 12.47 -5.51 5.26
CA LYS B 16 13.76 -5.90 4.69
C LYS B 16 14.43 -4.73 3.98
N VAL B 17 13.66 -3.80 3.44
CA VAL B 17 14.22 -2.62 2.80
C VAL B 17 14.53 -1.52 3.81
N GLU B 18 13.68 -1.35 4.83
CA GLU B 18 13.97 -0.38 5.88
C GLU B 18 15.34 -0.61 6.48
N GLY B 19 15.73 -1.87 6.67
CA GLY B 19 17.02 -2.18 7.24
C GLY B 19 18.20 -1.91 6.33
N CYS B 20 17.97 -1.39 5.12
CA CYS B 20 19.04 -1.05 4.20
C CYS B 20 19.12 0.44 3.91
N MET B 21 18.23 1.26 4.47
CA MET B 21 18.22 2.67 4.12
C MET B 21 19.21 3.45 4.97
N VAL B 22 19.99 4.31 4.31
CA VAL B 22 20.92 5.22 4.95
C VAL B 22 20.76 6.59 4.32
N GLN B 23 21.46 7.58 4.87
CA GLN B 23 21.53 8.88 4.25
C GLN B 23 22.93 9.14 3.74
N VAL B 24 23.02 9.88 2.63
CA VAL B 24 24.29 10.25 2.02
C VAL B 24 24.28 11.77 1.82
N THR B 25 25.30 12.44 2.35
CA THR B 25 25.39 13.89 2.28
C THR B 25 26.71 14.31 1.65
N CYS B 26 26.63 15.24 0.71
CA CYS B 26 27.75 16.03 0.23
C CYS B 26 27.43 17.49 0.51
N GLY B 27 28.28 18.14 1.29
CA GLY B 27 28.01 19.51 1.66
C GLY B 27 26.71 19.65 2.45
N THR B 28 25.73 20.32 1.85
CA THR B 28 24.41 20.46 2.47
C THR B 28 23.35 19.61 1.78
N THR B 29 23.70 18.90 0.71
CA THR B 29 22.75 18.09 -0.03
C THR B 29 22.72 16.68 0.58
N THR B 30 21.55 16.30 1.09
CA THR B 30 21.35 14.97 1.66
C THR B 30 20.29 14.26 0.84
N LEU B 31 20.59 13.02 0.44
CA LEU B 31 19.58 12.13 -0.10
C LEU B 31 19.72 10.76 0.56
N ASN B 32 18.91 9.82 0.10
CA ASN B 32 18.92 8.48 0.66
C ASN B 32 19.82 7.57 -0.15
N GLY B 33 20.39 6.58 0.53
CA GLY B 33 21.15 5.54 -0.13
C GLY B 33 20.69 4.16 0.36
N LEU B 34 21.12 3.15 -0.39
CA LEU B 34 20.76 1.77 -0.13
C LEU B 34 22.03 1.01 0.22
N TRP B 35 22.09 0.45 1.42
CA TRP B 35 23.28 -0.19 1.96
C TRP B 35 23.08 -1.70 1.90
N LEU B 36 23.83 -2.36 1.01
CA LEU B 36 23.74 -3.81 0.82
C LEU B 36 25.15 -4.35 0.90
N ASP B 37 25.38 -5.31 1.79
CA ASP B 37 26.74 -5.80 2.04
C ASP B 37 27.60 -4.57 2.38
N ASP B 38 28.76 -4.38 1.75
CA ASP B 38 29.61 -3.23 2.08
C ASP B 38 29.59 -2.14 1.01
N VAL B 39 28.47 -1.95 0.32
CA VAL B 39 28.32 -0.91 -0.69
C VAL B 39 27.05 -0.12 -0.41
N VAL B 40 27.14 1.20 -0.56
CA VAL B 40 25.99 2.09 -0.51
C VAL B 40 25.75 2.64 -1.91
N TYR B 41 24.53 2.49 -2.40
CA TYR B 41 24.12 2.94 -3.73
C TYR B 41 23.24 4.16 -3.57
N CYS B 42 23.48 5.19 -4.38
CA CYS B 42 22.65 6.39 -4.28
C CYS B 42 22.70 7.14 -5.60
N PRO B 43 21.81 8.11 -5.81
CA PRO B 43 21.86 8.92 -7.03
C PRO B 43 23.14 9.74 -7.09
N ARG B 44 23.74 9.81 -8.28
CA ARG B 44 25.00 10.53 -8.40
C ARG B 44 24.84 12.04 -8.20
N HIS B 45 23.63 12.58 -8.34
CA HIS B 45 23.48 14.03 -8.19
C HIS B 45 23.67 14.51 -6.75
N VAL B 46 23.91 13.61 -5.80
CA VAL B 46 24.30 14.05 -4.46
C VAL B 46 25.56 14.91 -4.50
N ILE B 47 26.40 14.74 -5.54
CA ILE B 47 27.65 15.50 -5.63
C ILE B 47 27.47 16.87 -6.25
N CYS B 48 26.25 17.24 -6.62
CA CYS B 48 26.00 18.51 -7.29
C CYS B 48 25.67 19.61 -6.30
N THR B 49 26.18 20.80 -6.57
CA THR B 49 25.65 22.00 -5.96
C THR B 49 24.44 22.47 -6.77
N SER B 50 23.78 23.54 -6.30
CA SER B 50 22.64 24.06 -7.04
C SER B 50 23.06 24.54 -8.42
N GLU B 51 24.24 25.15 -8.52
CA GLU B 51 24.72 25.65 -9.80
C GLU B 51 25.09 24.51 -10.75
N ASP B 52 25.50 23.37 -10.21
CA ASP B 52 25.87 22.24 -11.05
C ASP B 52 24.65 21.55 -11.67
N MET B 53 23.47 21.73 -11.09
CA MET B 53 22.34 20.88 -11.45
C MET B 53 21.73 21.21 -12.81
N LEU B 54 21.99 22.39 -13.37
CA LEU B 54 21.41 22.74 -14.67
C LEU B 54 21.94 21.82 -15.76
N ASN B 55 23.26 21.61 -15.80
CA ASN B 55 23.87 20.64 -16.71
C ASN B 55 25.19 20.18 -16.11
N PRO B 56 25.13 19.20 -15.22
CA PRO B 56 26.35 18.79 -14.51
C PRO B 56 27.29 18.01 -15.41
N ASN B 57 28.58 18.27 -15.23
CA ASN B 57 29.63 17.39 -15.78
C ASN B 57 29.98 16.45 -14.63
N TYR B 58 29.26 15.33 -14.58
CA TYR B 58 29.40 14.42 -13.44
C TYR B 58 30.80 13.84 -13.36
N GLU B 59 31.40 13.51 -14.50
CA GLU B 59 32.78 13.00 -14.49
C GLU B 59 33.73 14.04 -13.89
N ASP B 60 33.57 15.31 -14.25
CA ASP B 60 34.42 16.35 -13.72
C ASP B 60 34.14 16.60 -12.24
N LEU B 61 32.86 16.60 -11.85
CA LEU B 61 32.50 16.81 -10.46
C LEU B 61 33.03 15.68 -9.57
N LEU B 62 33.04 14.45 -10.08
CA LEU B 62 33.49 13.32 -9.26
C LEU B 62 35.00 13.33 -9.07
N ILE B 63 35.75 13.91 -10.00
CA ILE B 63 37.20 14.02 -9.85
C ILE B 63 37.55 14.88 -8.64
N ARG B 64 36.75 15.90 -8.36
CA ARG B 64 36.98 16.77 -7.21
C ARG B 64 36.49 16.16 -5.90
N LYS B 65 36.07 14.91 -5.90
CA LYS B 65 35.56 14.24 -4.71
C LYS B 65 36.53 13.17 -4.24
N SER B 66 36.72 13.10 -2.93
CA SER B 66 37.47 12.03 -2.28
C SER B 66 36.54 11.26 -1.35
N ASN B 67 36.99 10.09 -0.92
CA ASN B 67 36.20 9.29 0.02
C ASN B 67 35.79 10.10 1.25
N HIS B 68 36.70 10.91 1.79
CA HIS B 68 36.39 11.66 2.99
C HIS B 68 35.41 12.82 2.76
N ASN B 69 34.99 13.07 1.52
CA ASN B 69 33.96 14.08 1.26
C ASN B 69 32.54 13.56 1.44
N PHE B 70 32.34 12.24 1.53
CA PHE B 70 31.02 11.65 1.61
C PHE B 70 30.66 11.36 3.06
N LEU B 71 29.54 11.92 3.52
CA LEU B 71 29.02 11.62 4.84
C LEU B 71 27.88 10.62 4.68
N VAL B 72 28.13 9.38 5.07
CA VAL B 72 27.13 8.30 5.01
C VAL B 72 26.76 7.97 6.44
N GLN B 73 25.46 7.95 6.73
CA GLN B 73 25.00 7.73 8.10
C GLN B 73 23.83 6.76 8.10
N ALA B 74 23.88 5.79 9.00
CA ALA B 74 22.73 4.98 9.36
C ALA B 74 22.21 5.56 10.66
N GLY B 75 21.08 6.25 10.61
CA GLY B 75 20.70 7.06 11.75
C GLY B 75 21.72 8.16 11.98
N ASN B 76 22.21 8.27 13.21
CA ASN B 76 23.27 9.23 13.53
C ASN B 76 24.66 8.62 13.46
N VAL B 77 24.78 7.35 13.07
CA VAL B 77 26.06 6.64 13.11
C VAL B 77 26.71 6.73 11.74
N GLN B 78 27.91 7.28 11.68
CA GLN B 78 28.59 7.43 10.40
C GLN B 78 29.22 6.12 9.96
N LEU B 79 29.11 5.86 8.65
CA LEU B 79 29.73 4.73 7.98
C LEU B 79 30.90 5.26 7.18
N ARG B 80 32.11 4.78 7.48
CA ARG B 80 33.30 5.29 6.81
C ARG B 80 33.36 4.79 5.36
N VAL B 81 33.54 5.71 4.44
CA VAL B 81 33.65 5.39 3.01
C VAL B 81 35.11 5.07 2.70
N ILE B 82 35.33 3.94 2.02
CA ILE B 82 36.68 3.49 1.66
C ILE B 82 36.89 3.36 0.17
N GLY B 83 35.87 3.66 -0.64
CA GLY B 83 36.04 3.74 -2.08
C GLY B 83 34.81 4.35 -2.69
N HIS B 84 34.96 4.85 -3.91
CA HIS B 84 33.81 5.43 -4.60
C HIS B 84 33.96 5.22 -6.10
N SER B 85 32.83 5.00 -6.76
CA SER B 85 32.80 4.89 -8.22
C SER B 85 31.41 5.27 -8.71
N MET B 86 31.34 5.54 -10.00
CA MET B 86 30.10 5.91 -10.65
C MET B 86 29.76 4.83 -11.67
N GLN B 87 28.51 4.37 -11.66
CA GLN B 87 28.00 3.44 -12.64
C GLN B 87 26.74 4.06 -13.22
N ASN B 88 26.82 4.52 -14.47
CA ASN B 88 25.73 5.26 -15.08
C ASN B 88 25.32 6.40 -14.15
N CYS B 89 24.07 6.44 -13.69
CA CYS B 89 23.58 7.55 -12.88
C CYS B 89 23.59 7.26 -11.37
N VAL B 90 24.24 6.20 -10.95
CA VAL B 90 24.31 5.89 -9.52
CA VAL B 90 24.31 5.80 -9.54
C VAL B 90 25.75 5.96 -9.05
N LEU B 91 25.90 6.40 -7.82
CA LEU B 91 27.17 6.39 -7.12
C LEU B 91 27.23 5.15 -6.24
N LYS B 92 28.36 4.47 -6.27
CA LYS B 92 28.59 3.33 -5.41
C LYS B 92 29.69 3.68 -4.42
N LEU B 93 29.34 3.72 -3.14
CA LEU B 93 30.28 4.06 -2.08
C LEU B 93 30.61 2.78 -1.33
N LYS B 94 31.85 2.31 -1.45
CA LYS B 94 32.27 1.18 -0.65
C LYS B 94 32.53 1.67 0.77
N VAL B 95 31.98 0.94 1.75
CA VAL B 95 32.08 1.32 3.15
C VAL B 95 32.79 0.21 3.89
N ASP B 96 33.24 0.53 5.11
CA ASP B 96 34.08 -0.41 5.85
C ASP B 96 33.29 -1.44 6.65
N THR B 97 31.96 -1.39 6.60
CA THR B 97 31.11 -2.29 7.38
C THR B 97 30.08 -2.91 6.45
N ALA B 98 29.95 -4.23 6.52
CA ALA B 98 28.90 -4.93 5.81
C ALA B 98 27.60 -4.84 6.60
N ASN B 99 26.52 -4.43 5.93
CA ASN B 99 25.24 -4.28 6.60
C ASN B 99 24.75 -5.61 7.12
N PRO B 100 24.64 -5.79 8.45
CA PRO B 100 24.15 -7.07 8.98
C PRO B 100 22.70 -7.36 8.65
N LYS B 101 21.93 -6.36 8.22
CA LYS B 101 20.54 -6.55 7.84
C LYS B 101 20.38 -6.78 6.34
N THR B 102 21.46 -7.00 5.61
CA THR B 102 21.35 -7.22 4.17
C THR B 102 20.47 -8.43 3.89
N PRO B 103 19.37 -8.28 3.17
CA PRO B 103 18.56 -9.44 2.83
C PRO B 103 19.14 -10.13 1.62
N LYS B 104 18.60 -11.31 1.29
CA LYS B 104 18.84 -11.86 -0.03
CA LYS B 104 18.82 -11.86 -0.03
C LYS B 104 18.22 -10.90 -1.05
N TYR B 105 18.98 -10.58 -2.10
CA TYR B 105 18.50 -9.56 -3.02
C TYR B 105 19.00 -9.80 -4.43
N LYS B 106 18.33 -9.14 -5.37
CA LYS B 106 18.73 -9.05 -6.76
C LYS B 106 18.44 -7.64 -7.23
N PHE B 107 19.13 -7.23 -8.29
CA PHE B 107 18.84 -6.01 -9.02
C PHE B 107 18.15 -6.42 -10.31
N VAL B 108 16.90 -5.99 -10.49
CA VAL B 108 16.15 -6.33 -11.70
C VAL B 108 15.72 -5.04 -12.40
N ARG B 109 15.67 -5.09 -13.72
CA ARG B 109 15.15 -4.00 -14.53
C ARG B 109 13.76 -4.41 -15.02
N ILE B 110 12.74 -3.66 -14.61
CA ILE B 110 11.36 -4.09 -14.86
C ILE B 110 10.88 -3.56 -16.20
N GLN B 111 9.78 -4.10 -16.68
CA GLN B 111 9.13 -3.67 -17.91
C GLN B 111 7.98 -2.72 -17.59
N PRO B 112 7.62 -1.83 -18.52
CA PRO B 112 6.43 -1.00 -18.33
C PRO B 112 5.21 -1.85 -18.00
N GLY B 113 4.38 -1.34 -17.11
CA GLY B 113 3.21 -2.05 -16.63
C GLY B 113 3.45 -2.83 -15.36
N GLN B 114 4.69 -3.21 -15.08
CA GLN B 114 4.98 -3.91 -13.84
C GLN B 114 4.81 -2.97 -12.66
N THR B 115 4.34 -3.54 -11.56
CA THR B 115 4.15 -2.79 -10.32
C THR B 115 5.27 -3.13 -9.35
N PHE B 116 5.44 -2.24 -8.37
CA PHE B 116 6.45 -2.43 -7.34
C PHE B 116 6.09 -1.55 -6.16
N SER B 117 6.66 -1.87 -5.01
CA SER B 117 6.44 -1.10 -3.80
C SER B 117 7.54 -0.06 -3.69
N VAL B 118 7.15 1.15 -3.30
CA VAL B 118 8.10 2.22 -3.03
C VAL B 118 8.13 2.47 -1.53
N LEU B 119 9.33 2.50 -0.96
CA LEU B 119 9.52 2.92 0.43
C LEU B 119 10.00 4.37 0.39
N ALA B 120 9.07 5.31 0.57
CA ALA B 120 9.44 6.72 0.52
C ALA B 120 10.23 7.07 1.77
N CYS B 121 11.39 7.70 1.57
CA CYS B 121 12.32 7.98 2.65
C CYS B 121 12.80 9.41 2.59
N TYR B 122 13.09 9.96 3.76
CA TYR B 122 13.65 11.30 3.87
C TYR B 122 14.74 11.27 4.94
N ASN B 123 15.92 11.77 4.58
CA ASN B 123 17.08 11.76 5.49
C ASN B 123 17.38 10.35 6.00
N GLY B 124 17.19 9.36 5.13
CA GLY B 124 17.42 7.98 5.48
C GLY B 124 16.36 7.34 6.34
N SER B 125 15.28 8.06 6.66
CA SER B 125 14.22 7.55 7.53
C SER B 125 12.98 7.24 6.71
N PRO B 126 12.48 6.01 6.74
CA PRO B 126 11.28 5.68 5.96
C PRO B 126 10.04 6.37 6.51
N SER B 127 9.23 6.91 5.60
CA SER B 127 7.99 7.58 5.96
C SER B 127 6.74 6.79 5.57
N GLY B 128 6.77 6.05 4.46
CA GLY B 128 5.58 5.35 4.03
C GLY B 128 5.89 4.38 2.92
N VAL B 129 4.97 3.46 2.68
CA VAL B 129 5.13 2.46 1.64
C VAL B 129 3.86 2.38 0.79
N TYR B 130 4.02 2.32 -0.52
CA TYR B 130 2.87 2.27 -1.41
C TYR B 130 3.26 1.58 -2.70
N GLN B 131 2.24 1.13 -3.44
CA GLN B 131 2.45 0.44 -4.68
C GLN B 131 2.40 1.42 -5.85
N CYS B 132 3.33 1.25 -6.79
CA CYS B 132 3.44 2.07 -7.98
C CYS B 132 3.37 1.17 -9.21
N ALA B 133 2.91 1.72 -10.33
CA ALA B 133 3.00 1.02 -11.61
C ALA B 133 3.90 1.83 -12.53
N MET B 134 4.85 1.16 -13.18
CA MET B 134 5.64 1.81 -14.20
C MET B 134 4.75 2.03 -15.43
N ARG B 135 4.50 3.29 -15.79
CA ARG B 135 3.66 3.61 -16.93
C ARG B 135 4.36 3.25 -18.24
N PRO B 136 3.61 3.10 -19.33
CA PRO B 136 4.26 2.80 -20.62
C PRO B 136 5.23 3.86 -21.10
N ASN B 137 5.08 5.11 -20.64
CA ASN B 137 6.04 6.16 -20.94
C ASN B 137 7.19 6.21 -19.94
N PHE B 138 7.34 5.17 -19.11
CA PHE B 138 8.48 5.04 -18.21
C PHE B 138 8.50 6.10 -17.11
N THR B 139 7.33 6.54 -16.65
CA THR B 139 7.19 7.40 -15.49
C THR B 139 6.35 6.69 -14.44
N ILE B 140 6.45 7.16 -13.20
CA ILE B 140 5.62 6.64 -12.12
C ILE B 140 4.89 7.78 -11.44
N LYS B 141 3.73 7.47 -10.87
CA LYS B 141 2.92 8.42 -10.12
C LYS B 141 3.14 8.10 -8.65
N GLY B 142 4.15 8.74 -8.05
CA GLY B 142 4.48 8.53 -6.67
C GLY B 142 4.16 9.76 -5.83
N SER B 143 4.36 9.59 -4.54
CA SER B 143 4.39 10.70 -3.60
C SER B 143 5.87 10.88 -3.25
N PHE B 144 6.51 11.84 -3.91
CA PHE B 144 7.93 12.11 -3.74
C PHE B 144 8.11 13.59 -3.50
N LEU B 145 8.52 13.96 -2.29
CA LEU B 145 8.76 15.33 -1.91
C LEU B 145 10.26 15.63 -1.97
N ASN B 146 10.63 16.86 -1.63
CA ASN B 146 12.04 17.20 -1.55
C ASN B 146 12.74 16.27 -0.58
N GLY B 147 13.91 15.78 -0.99
CA GLY B 147 14.68 14.87 -0.16
C GLY B 147 14.37 13.41 -0.36
N SER B 148 13.47 13.07 -1.28
CA SER B 148 13.07 11.68 -1.48
C SER B 148 14.03 10.91 -2.38
N CYS B 149 14.94 11.57 -3.07
CA CYS B 149 15.80 10.87 -4.00
C CYS B 149 16.61 9.78 -3.30
N GLY B 150 16.82 8.69 -4.01
CA GLY B 150 17.44 7.52 -3.44
C GLY B 150 16.49 6.55 -2.79
N SER B 151 15.23 6.96 -2.57
CA SER B 151 14.19 5.99 -2.20
C SER B 151 14.08 4.95 -3.30
N VAL B 152 13.78 3.72 -2.90
CA VAL B 152 13.83 2.61 -3.84
C VAL B 152 12.47 1.96 -4.01
N GLY B 153 12.30 1.34 -5.17
CA GLY B 153 11.18 0.48 -5.45
C GLY B 153 11.64 -0.96 -5.53
N PHE B 154 10.74 -1.89 -5.15
CA PHE B 154 11.14 -3.28 -4.99
C PHE B 154 9.91 -4.19 -5.06
N ASN B 155 10.18 -5.46 -5.33
CA ASN B 155 9.26 -6.56 -5.12
C ASN B 155 9.94 -7.59 -4.24
N ILE B 156 9.14 -8.39 -3.53
CA ILE B 156 9.68 -9.44 -2.67
C ILE B 156 9.08 -10.76 -3.09
N ASP B 157 9.94 -11.74 -3.37
CA ASP B 157 9.51 -13.09 -3.73
C ASP B 157 10.30 -14.06 -2.86
N TYR B 158 9.60 -14.78 -1.99
CA TYR B 158 10.21 -15.82 -1.16
C TYR B 158 11.42 -15.30 -0.39
N ASP B 159 11.22 -14.19 0.32
CA ASP B 159 12.22 -13.51 1.14
C ASP B 159 13.36 -12.89 0.35
N CYS B 160 13.34 -12.94 -0.99
CA CYS B 160 14.34 -12.28 -1.80
C CYS B 160 13.80 -10.94 -2.29
N VAL B 161 14.54 -9.87 -2.03
CA VAL B 161 14.14 -8.54 -2.45
C VAL B 161 14.72 -8.27 -3.83
N SER B 162 13.85 -8.02 -4.82
CA SER B 162 14.27 -7.60 -6.14
C SER B 162 14.12 -6.09 -6.21
N PHE B 163 15.24 -5.38 -6.16
CA PHE B 163 15.24 -3.93 -6.26
C PHE B 163 15.16 -3.53 -7.73
N CYS B 164 14.22 -2.65 -8.06
CA CYS B 164 14.00 -2.29 -9.45
C CYS B 164 14.01 -0.80 -9.74
N TYR B 165 13.91 0.07 -8.73
CA TYR B 165 13.78 1.49 -8.98
C TYR B 165 14.55 2.27 -7.92
N MET B 166 15.19 3.35 -8.36
CA MET B 166 15.74 4.34 -7.44
C MET B 166 15.30 5.71 -7.93
N HIS B 167 14.85 6.56 -7.02
CA HIS B 167 14.21 7.80 -7.42
C HIS B 167 15.20 8.93 -7.68
N HIS B 168 15.01 9.66 -8.79
CA HIS B 168 15.90 10.76 -9.16
C HIS B 168 15.21 12.09 -9.40
N MET B 169 13.98 12.10 -9.93
CA MET B 169 13.50 13.42 -10.36
C MET B 169 12.00 13.45 -10.63
N GLU B 170 11.50 14.67 -10.73
CA GLU B 170 10.11 14.95 -11.05
C GLU B 170 10.03 15.66 -12.39
N LEU B 171 9.00 15.36 -13.14
CA LEU B 171 8.72 15.95 -14.44
C LEU B 171 7.70 17.07 -14.30
N PRO B 172 7.60 17.97 -15.28
CA PRO B 172 6.68 19.11 -15.14
C PRO B 172 5.23 18.73 -14.95
N THR B 173 4.81 17.55 -15.43
CA THR B 173 3.43 17.11 -15.24
C THR B 173 3.16 16.55 -13.86
N GLY B 174 4.16 16.51 -12.98
CA GLY B 174 3.99 16.00 -11.64
C GLY B 174 4.32 14.53 -11.47
N VAL B 175 4.66 13.82 -12.54
CA VAL B 175 5.06 12.42 -12.45
C VAL B 175 6.55 12.34 -12.19
N HIS B 176 7.08 11.13 -12.04
CA HIS B 176 8.42 10.93 -11.51
C HIS B 176 9.21 9.97 -12.40
N ALA B 177 10.52 10.13 -12.37
CA ALA B 177 11.41 9.31 -13.18
C ALA B 177 12.62 8.92 -12.37
N GLY B 178 13.19 7.77 -12.72
CA GLY B 178 14.33 7.25 -11.99
C GLY B 178 15.01 6.15 -12.77
N THR B 179 15.89 5.44 -12.07
CA THR B 179 16.77 4.46 -12.67
C THR B 179 16.52 3.09 -12.05
N ASP B 180 17.11 2.07 -12.67
CA ASP B 180 17.29 0.82 -11.98
C ASP B 180 18.49 0.93 -11.04
N LEU B 181 18.84 -0.15 -10.36
CA LEU B 181 19.94 -0.08 -9.40
C LEU B 181 21.31 -0.17 -10.05
N GLU B 182 21.37 -0.40 -11.37
CA GLU B 182 22.60 -0.21 -12.12
C GLU B 182 22.75 1.21 -12.65
N GLY B 183 21.81 2.10 -12.33
CA GLY B 183 21.91 3.49 -12.68
C GLY B 183 21.38 3.88 -14.05
N ASN B 184 20.70 2.96 -14.74
CA ASN B 184 20.18 3.25 -16.07
C ASN B 184 18.75 3.76 -15.94
N PHE B 185 18.50 4.98 -16.44
CA PHE B 185 17.16 5.53 -16.38
C PHE B 185 16.16 4.63 -17.10
N TYR B 186 14.96 4.56 -16.55
CA TYR B 186 13.82 4.09 -17.30
C TYR B 186 13.34 5.25 -18.17
N GLY B 187 13.24 5.00 -19.47
CA GLY B 187 12.75 6.01 -20.38
C GLY B 187 13.80 7.01 -20.80
N PRO B 188 13.39 8.01 -21.57
CA PRO B 188 14.33 8.95 -22.19
C PRO B 188 14.59 10.17 -21.31
N PHE B 189 15.04 9.92 -20.08
CA PHE B 189 15.27 10.99 -19.14
C PHE B 189 16.73 11.02 -18.71
N VAL B 190 17.17 12.19 -18.27
CA VAL B 190 18.53 12.41 -17.80
C VAL B 190 18.47 13.15 -16.48
N ASP B 191 19.52 12.96 -15.65
CA ASP B 191 19.54 13.55 -14.31
C ASP B 191 20.14 14.96 -14.36
N ARG B 192 19.31 15.92 -14.78
CA ARG B 192 19.65 17.33 -14.77
C ARG B 192 18.41 18.13 -14.36
N GLN B 193 18.63 19.36 -13.91
CA GLN B 193 17.55 20.23 -13.46
C GLN B 193 16.94 20.95 -14.67
N THR B 194 16.30 20.17 -15.53
CA THR B 194 15.65 20.69 -16.71
C THR B 194 14.25 20.09 -16.84
N ALA B 195 13.33 20.89 -17.36
CA ALA B 195 11.99 20.40 -17.67
C ALA B 195 12.07 19.42 -18.82
N GLN B 196 11.74 18.16 -18.56
CA GLN B 196 11.75 17.13 -19.58
C GLN B 196 10.35 16.57 -19.73
N ALA B 197 9.92 16.38 -20.97
CA ALA B 197 8.59 15.89 -21.25
C ALA B 197 8.60 14.38 -21.36
N ALA B 198 7.62 13.74 -20.75
CA ALA B 198 7.42 12.33 -20.97
C ALA B 198 6.63 12.12 -22.26
N GLY B 199 6.78 10.94 -22.85
CA GLY B 199 5.93 10.57 -23.96
C GLY B 199 4.48 10.53 -23.55
N THR B 200 3.59 10.67 -24.53
CA THR B 200 2.17 10.58 -24.25
C THR B 200 1.88 9.22 -23.62
N ASP B 201 1.18 9.24 -22.49
CA ASP B 201 0.97 7.98 -21.81
C ASP B 201 -0.17 7.20 -22.46
N THR B 202 -0.16 5.89 -22.24
CA THR B 202 -1.15 4.98 -22.78
C THR B 202 -1.60 4.04 -21.67
N THR B 203 -2.70 3.34 -21.95
CA THR B 203 -3.26 2.38 -20.99
C THR B 203 -2.50 1.06 -21.05
N ILE B 204 -2.25 0.49 -19.87
CA ILE B 204 -1.49 -0.76 -19.77
C ILE B 204 -2.40 -1.95 -20.08
N THR B 205 -2.40 -2.35 -21.35
CA THR B 205 -3.32 -3.37 -21.84
C THR B 205 -3.20 -4.67 -21.06
N VAL B 206 -1.97 -5.14 -20.82
CA VAL B 206 -1.80 -6.42 -20.14
C VAL B 206 -2.45 -6.40 -18.76
N ASN B 207 -2.42 -5.25 -18.09
CA ASN B 207 -3.02 -5.15 -16.77
C ASN B 207 -4.53 -5.04 -16.85
N VAL B 208 -5.07 -4.37 -17.88
CA VAL B 208 -6.52 -4.40 -18.09
C VAL B 208 -6.99 -5.82 -18.31
N LEU B 209 -6.25 -6.59 -19.11
CA LEU B 209 -6.62 -7.98 -19.31
C LEU B 209 -6.57 -8.75 -18.01
N ALA B 210 -5.55 -8.50 -17.19
CA ALA B 210 -5.49 -9.15 -15.88
C ALA B 210 -6.71 -8.80 -15.05
N TRP B 211 -7.15 -7.54 -15.12
CA TRP B 211 -8.35 -7.10 -14.43
C TRP B 211 -9.58 -7.84 -14.92
N LEU B 212 -9.71 -8.04 -16.24
CA LEU B 212 -10.84 -8.77 -16.77
C LEU B 212 -10.82 -10.23 -16.30
N TYR B 213 -9.65 -10.86 -16.28
CA TYR B 213 -9.54 -12.20 -15.71
C TYR B 213 -9.98 -12.23 -14.25
N ALA B 214 -9.55 -11.23 -13.46
CA ALA B 214 -9.98 -11.16 -12.07
C ALA B 214 -11.49 -11.06 -11.97
N ALA B 215 -12.11 -10.26 -12.83
CA ALA B 215 -13.57 -10.18 -12.87
C ALA B 215 -14.19 -11.55 -13.10
N VAL B 216 -13.66 -12.28 -14.09
CA VAL B 216 -14.19 -13.62 -14.39
C VAL B 216 -14.04 -14.53 -13.19
N ILE B 217 -12.88 -14.49 -12.53
CA ILE B 217 -12.63 -15.31 -11.35
C ILE B 217 -13.67 -15.08 -10.28
N ASN B 218 -14.17 -13.85 -10.16
CA ASN B 218 -15.17 -13.49 -9.16
C ASN B 218 -16.59 -13.56 -9.69
N GLY B 219 -16.80 -14.17 -10.86
CA GLY B 219 -18.12 -14.44 -11.36
C GLY B 219 -18.75 -13.33 -12.18
N ASP B 220 -17.99 -12.31 -12.56
CA ASP B 220 -18.49 -11.17 -13.32
C ASP B 220 -17.95 -11.34 -14.74
N ARG B 221 -18.79 -11.88 -15.63
CA ARG B 221 -18.28 -12.30 -16.93
C ARG B 221 -19.21 -11.96 -18.10
N TRP B 222 -20.05 -10.92 -17.95
CA TRP B 222 -20.99 -10.56 -19.01
C TRP B 222 -20.28 -10.16 -20.30
N PHE B 223 -19.02 -9.70 -20.21
CA PHE B 223 -18.28 -9.16 -21.34
C PHE B 223 -17.59 -10.22 -22.18
N LEU B 224 -17.64 -11.49 -21.76
CA LEU B 224 -17.05 -12.56 -22.56
C LEU B 224 -17.91 -12.78 -23.80
N ASN B 225 -17.26 -12.87 -24.95
CA ASN B 225 -17.96 -13.08 -26.22
C ASN B 225 -17.50 -14.39 -26.87
N ARG B 226 -18.10 -14.71 -28.00
CA ARG B 226 -17.79 -15.94 -28.73
C ARG B 226 -16.75 -15.72 -29.82
N PHE B 227 -15.99 -14.63 -29.75
CA PHE B 227 -15.03 -14.27 -30.78
C PHE B 227 -13.60 -14.53 -30.31
N THR B 228 -12.69 -14.56 -31.27
CA THR B 228 -11.26 -14.48 -31.00
C THR B 228 -10.65 -13.49 -31.97
N THR B 229 -9.36 -13.26 -31.82
CA THR B 229 -8.64 -12.30 -32.66
C THR B 229 -7.20 -12.77 -32.77
N THR B 230 -6.50 -12.24 -33.77
CA THR B 230 -5.06 -12.41 -33.78
C THR B 230 -4.43 -11.31 -32.93
N LEU B 231 -3.20 -11.56 -32.49
CA LEU B 231 -2.50 -10.56 -31.70
C LEU B 231 -2.27 -9.28 -32.49
N ASN B 232 -1.88 -9.41 -33.76
CA ASN B 232 -1.64 -8.24 -34.58
C ASN B 232 -2.91 -7.43 -34.79
N ASP B 233 -4.03 -8.10 -35.10
CA ASP B 233 -5.28 -7.37 -35.26
C ASP B 233 -5.66 -6.62 -34.00
N PHE B 234 -5.50 -7.25 -32.84
CA PHE B 234 -5.82 -6.56 -31.59
C PHE B 234 -4.90 -5.37 -31.39
N ASN B 235 -3.60 -5.55 -31.61
CA ASN B 235 -2.64 -4.47 -31.38
C ASN B 235 -2.95 -3.25 -32.24
N LEU B 236 -3.30 -3.48 -33.52
CA LEU B 236 -3.64 -2.36 -34.39
C LEU B 236 -4.89 -1.64 -33.90
N VAL B 237 -5.88 -2.38 -33.40
CA VAL B 237 -7.06 -1.75 -32.84
C VAL B 237 -6.72 -1.05 -31.53
N ALA B 238 -5.97 -1.73 -30.65
CA ALA B 238 -5.65 -1.15 -29.34
C ALA B 238 -5.01 0.23 -29.47
N MET B 239 -4.09 0.38 -30.43
CA MET B 239 -3.39 1.66 -30.58
C MET B 239 -4.35 2.80 -30.91
N LYS B 240 -5.43 2.50 -31.64
CA LYS B 240 -6.42 3.54 -31.94
C LYS B 240 -7.16 4.03 -30.70
N TYR B 241 -7.13 3.26 -29.61
CA TYR B 241 -7.77 3.66 -28.37
C TYR B 241 -6.77 4.05 -27.30
N ASN B 242 -5.53 4.34 -27.68
CA ASN B 242 -4.48 4.75 -26.75
C ASN B 242 -4.16 3.64 -25.76
N TYR B 243 -4.30 2.39 -26.19
CA TYR B 243 -3.89 1.23 -25.42
C TYR B 243 -2.54 0.75 -25.92
N GLU B 244 -1.71 0.28 -24.99
N GLU B 244 -1.72 0.27 -24.99
CA GLU B 244 -0.41 -0.24 -25.34
CA GLU B 244 -0.39 -0.20 -25.37
C GLU B 244 -0.56 -1.51 -26.17
C GLU B 244 -0.51 -1.52 -26.13
N PRO B 245 0.27 -1.70 -27.19
CA PRO B 245 0.28 -2.99 -27.89
C PRO B 245 0.84 -4.07 -26.98
N LEU B 246 0.32 -5.28 -27.14
CA LEU B 246 0.80 -6.40 -26.36
C LEU B 246 2.08 -6.96 -26.96
N THR B 247 2.95 -7.44 -26.09
CA THR B 247 4.16 -8.14 -26.47
C THR B 247 3.97 -9.63 -26.21
N GLN B 248 4.89 -10.43 -26.73
CA GLN B 248 4.87 -11.86 -26.43
C GLN B 248 5.01 -12.11 -24.93
N ASP B 249 5.83 -11.33 -24.25
CA ASP B 249 5.97 -11.48 -22.80
C ASP B 249 4.65 -11.22 -22.09
N HIS B 250 3.87 -10.25 -22.58
CA HIS B 250 2.55 -9.99 -22.02
C HIS B 250 1.64 -11.19 -22.16
N VAL B 251 1.60 -11.79 -23.34
CA VAL B 251 0.80 -12.99 -23.54
C VAL B 251 1.24 -14.07 -22.58
N ASP B 252 2.56 -14.20 -22.38
CA ASP B 252 3.10 -15.23 -21.49
C ASP B 252 2.72 -14.99 -20.05
N ILE B 253 2.79 -13.75 -19.56
CA ILE B 253 2.48 -13.52 -18.15
C ILE B 253 0.99 -13.66 -17.85
N LEU B 254 0.14 -13.63 -18.87
CA LEU B 254 -1.29 -13.91 -18.70
C LEU B 254 -1.59 -15.40 -18.69
N GLY B 255 -0.59 -16.24 -18.91
CA GLY B 255 -0.76 -17.67 -18.94
C GLY B 255 -1.46 -18.25 -17.72
N PRO B 256 -0.95 -17.96 -16.51
CA PRO B 256 -1.59 -18.53 -15.32
C PRO B 256 -3.07 -18.18 -15.17
N LEU B 257 -3.44 -16.92 -15.43
CA LEU B 257 -4.84 -16.52 -15.32
C LEU B 257 -5.68 -17.16 -16.41
N SER B 258 -5.11 -17.31 -17.61
CA SER B 258 -5.79 -18.01 -18.69
C SER B 258 -6.06 -19.46 -18.31
N ALA B 259 -5.08 -20.11 -17.67
CA ALA B 259 -5.27 -21.50 -17.27
C ALA B 259 -6.29 -21.60 -16.13
N GLN B 260 -6.30 -20.62 -15.23
CA GLN B 260 -7.21 -20.66 -14.09
C GLN B 260 -8.66 -20.51 -14.53
N THR B 261 -8.91 -19.73 -15.58
CA THR B 261 -10.26 -19.47 -16.04
C THR B 261 -10.66 -20.29 -17.27
N GLY B 262 -9.71 -20.89 -17.97
CA GLY B 262 -10.01 -21.56 -19.23
C GLY B 262 -10.27 -20.63 -20.39
N ILE B 263 -10.01 -19.34 -20.25
CA ILE B 263 -10.26 -18.36 -21.30
C ILE B 263 -8.93 -18.04 -21.96
N ALA B 264 -8.80 -18.40 -23.24
CA ALA B 264 -7.58 -18.12 -23.97
C ALA B 264 -7.29 -16.63 -23.99
N VAL B 265 -6.00 -16.28 -23.93
CA VAL B 265 -5.59 -14.88 -23.92
C VAL B 265 -6.20 -14.12 -25.10
N LEU B 266 -6.15 -14.71 -26.30
CA LEU B 266 -6.66 -14.03 -27.48
C LEU B 266 -8.18 -13.92 -27.48
N ASP B 267 -8.88 -14.87 -26.83
CA ASP B 267 -10.31 -14.69 -26.63
C ASP B 267 -10.59 -13.51 -25.71
N MET B 268 -9.81 -13.37 -24.63
CA MET B 268 -9.99 -12.20 -23.76
C MET B 268 -9.65 -10.92 -24.49
N CYS B 269 -8.65 -10.96 -25.36
CA CYS B 269 -8.34 -9.79 -26.19
C CYS B 269 -9.53 -9.39 -27.05
N ALA B 270 -10.23 -10.37 -27.61
CA ALA B 270 -11.41 -10.08 -28.41
C ALA B 270 -12.51 -9.46 -27.55
N SER B 271 -12.68 -9.94 -26.33
CA SER B 271 -13.65 -9.33 -25.42
C SER B 271 -13.27 -7.89 -25.09
N LEU B 272 -11.97 -7.64 -24.86
CA LEU B 272 -11.54 -6.27 -24.58
C LEU B 272 -11.74 -5.37 -25.79
N LYS B 273 -11.43 -5.88 -26.99
CA LYS B 273 -11.63 -5.10 -28.21
C LYS B 273 -13.08 -4.67 -28.35
N GLU B 274 -14.02 -5.58 -28.05
CA GLU B 274 -15.43 -5.22 -28.08
C GLU B 274 -15.75 -4.11 -27.07
N LEU B 275 -15.17 -4.18 -25.88
CA LEU B 275 -15.38 -3.13 -24.88
C LEU B 275 -14.82 -1.80 -25.38
N LEU B 276 -13.68 -1.82 -26.06
CA LEU B 276 -13.10 -0.59 -26.59
C LEU B 276 -13.99 0.01 -27.68
N GLN B 277 -14.52 -0.83 -28.56
CA GLN B 277 -15.28 -0.35 -29.71
C GLN B 277 -16.72 0.00 -29.35
N ASN B 278 -17.29 -0.64 -28.34
CA ASN B 278 -18.69 -0.43 -27.97
C ASN B 278 -18.88 0.30 -26.65
N GLY B 279 -17.84 0.42 -25.83
CA GLY B 279 -18.03 0.99 -24.51
C GLY B 279 -18.73 0.02 -23.57
N MET B 280 -19.01 0.53 -22.37
CA MET B 280 -19.64 -0.26 -21.33
C MET B 280 -21.15 -0.30 -21.42
N ASN B 281 -21.78 0.78 -21.90
CA ASN B 281 -23.23 0.87 -22.01
C ASN B 281 -23.92 0.69 -20.65
N GLY B 282 -23.50 1.53 -19.70
CA GLY B 282 -24.08 1.53 -18.37
C GLY B 282 -23.72 0.36 -17.50
N ARG B 283 -23.05 -0.66 -18.03
CA ARG B 283 -22.66 -1.81 -17.23
C ARG B 283 -21.36 -1.54 -16.50
N THR B 284 -21.10 -2.35 -15.48
CA THR B 284 -19.89 -2.24 -14.68
C THR B 284 -19.18 -3.58 -14.64
N ILE B 285 -17.88 -3.51 -14.38
CA ILE B 285 -17.02 -4.68 -14.20
C ILE B 285 -16.35 -4.54 -12.84
N LEU B 286 -16.57 -5.52 -11.98
CA LEU B 286 -16.08 -5.44 -10.60
C LEU B 286 -16.56 -4.17 -9.91
N GLY B 287 -17.79 -3.78 -10.21
CA GLY B 287 -18.38 -2.59 -9.59
C GLY B 287 -17.75 -1.28 -10.03
N SER B 288 -17.42 -1.14 -11.31
CA SER B 288 -16.79 0.06 -11.82
C SER B 288 -17.03 0.16 -13.32
N ALA B 289 -17.32 1.38 -13.78
CA ALA B 289 -17.44 1.63 -15.21
C ALA B 289 -16.10 1.92 -15.86
N LEU B 290 -15.02 2.01 -15.08
CA LEU B 290 -13.69 2.30 -15.59
C LEU B 290 -12.83 1.05 -15.47
N LEU B 291 -12.04 0.80 -16.51
CA LEU B 291 -11.14 -0.35 -16.52
C LEU B 291 -9.84 -0.01 -15.82
N GLU B 292 -9.48 -0.83 -14.84
CA GLU B 292 -8.28 -0.60 -14.04
C GLU B 292 -7.07 -1.16 -14.75
N ASP B 293 -5.96 -0.39 -14.77
CA ASP B 293 -4.75 -0.84 -15.46
C ASP B 293 -3.51 -0.88 -14.58
N GLU B 294 -3.66 -0.84 -13.26
CA GLU B 294 -2.51 -0.85 -12.38
C GLU B 294 -2.40 -2.10 -11.51
N PHE B 295 -3.14 -3.16 -11.82
CA PHE B 295 -2.96 -4.47 -11.21
C PHE B 295 -2.39 -5.42 -12.26
N THR B 296 -1.21 -5.96 -12.00
CA THR B 296 -0.58 -6.90 -12.91
C THR B 296 -1.21 -8.27 -12.76
N PRO B 297 -0.93 -9.19 -13.70
CA PRO B 297 -1.37 -10.58 -13.50
C PRO B 297 -0.92 -11.17 -12.17
N PHE B 298 0.30 -10.84 -11.73
CA PHE B 298 0.77 -11.34 -10.44
C PHE B 298 -0.02 -10.74 -9.29
N ASP B 299 -0.30 -9.43 -9.35
CA ASP B 299 -1.11 -8.78 -8.33
C ASP B 299 -2.47 -9.43 -8.19
N VAL B 300 -3.09 -9.78 -9.32
CA VAL B 300 -4.42 -10.40 -9.27
C VAL B 300 -4.36 -11.75 -8.58
N VAL B 301 -3.36 -12.57 -8.93
CA VAL B 301 -3.22 -13.87 -8.31
C VAL B 301 -2.98 -13.74 -6.81
N ARG B 302 -2.22 -12.72 -6.40
CA ARG B 302 -1.94 -12.50 -4.99
C ARG B 302 -3.21 -12.21 -4.20
N GLN B 303 -4.04 -11.31 -4.71
CA GLN B 303 -5.24 -10.90 -3.97
C GLN B 303 -6.38 -11.89 -4.09
N CYS B 304 -6.32 -12.81 -5.06
CA CYS B 304 -7.27 -13.91 -5.08
C CYS B 304 -6.80 -15.07 -4.20
N SER B 305 -5.50 -15.18 -3.94
CA SER B 305 -4.96 -16.24 -3.09
C SER B 305 -3.53 -15.90 -2.64
C33 ESS C . -17.36 -16.15 6.40
C32 ESS C . -19.35 -14.59 5.51
N10 ESS C . -11.68 -16.01 10.37
C23 ESS C . -17.42 -15.85 7.94
C24 ESS C . -18.97 -16.05 7.77
C25 ESS C . -18.86 -15.89 6.24
C26 ESS C . -19.72 -16.67 5.19
C17 ESS C . -11.60 -16.16 6.51
C19 ESS C . -9.19 -16.15 10.31
C16 ESS C . -11.91 -15.59 5.10
C11 ESS C . -10.51 -16.16 9.48
C12 ESS C . -10.46 -14.97 8.46
C13 ESS C . -11.65 -14.97 7.48
C14 ESS C . -11.56 -13.76 6.56
C02 ESS C . -15.66 -16.25 9.57
C04 ESS C . -13.95 -16.67 11.35
C05 ESS C . -13.81 -17.62 12.56
C06 ESS C . -14.96 -17.49 13.58
C07 ESS C . -15.21 -16.04 13.98
C08 ESS C . -14.74 -18.32 14.85
C09 ESS C . -12.75 -16.90 10.35
N03 ESS C . -15.23 -16.93 10.68
N15 ESS C . -11.71 -14.13 5.25
N27 ESS C . -20.22 -15.40 4.58
O01 ESS C . -15.07 -15.27 9.13
O18 ESS C . -11.39 -12.59 6.89
O20 ESS C . -9.22 -17.33 11.08
O21 ESS C . -12.77 -17.83 9.57
O22 ESS C . -16.81 -16.68 8.91
C33 ET6 D . -18.95 -15.99 7.74
C32 ET6 D . -19.82 -16.64 5.27
N10 ET6 D . -11.86 -15.96 10.34
C23 ET6 D . -17.39 -15.93 7.89
C24 ET6 D . -17.35 -16.34 6.37
C25 ET6 D . -18.82 -15.88 6.20
C26 ET6 D . -19.26 -14.58 5.44
C17 ET6 D . -11.59 -16.14 6.52
C19 ET6 D . -9.39 -16.23 10.42
C16 ET6 D . -11.85 -15.57 5.10
C11 ET6 D . -10.65 -16.13 9.51
C12 ET6 D . -10.51 -14.93 8.52
C13 ET6 D . -11.66 -14.91 7.48
C14 ET6 D . -11.52 -13.72 6.56
C02 ET6 D . -15.64 -16.28 9.58
C04 ET6 D . -14.01 -16.75 11.46
C05 ET6 D . -13.92 -17.75 12.64
C06 ET6 D . -14.82 -17.39 13.84
C07 ET6 D . -14.25 -16.24 14.66
C08 ET6 D . -15.00 -18.58 14.78
C09 ET6 D . -12.76 -16.99 10.55
N03 ET6 D . -15.27 -16.98 10.70
N15 ET6 D . -11.64 -14.12 5.23
N27 ET6 D . -20.32 -15.34 4.67
O01 ET6 D . -15.09 -15.23 9.24
O18 ET6 D . -11.35 -12.55 6.87
O20 ET6 D . -8.28 -16.37 9.57
O21 ET6 D . -12.56 -18.09 10.03
O22 ET6 D . -16.65 -16.78 8.77
C33 ESS E . 12.12 20.60 -12.04
C32 ESS E . 9.50 20.81 -11.43
N10 ESS E . 15.35 15.36 -7.33
C23 ESS E . 12.78 19.64 -10.99
C24 ESS E . 11.39 18.91 -10.93
C25 ESS E . 10.74 19.94 -11.87
C26 ESS E . 9.88 19.58 -13.13
C17 ESS E . 12.11 16.94 -5.67
C19 ESS E . 15.61 14.31 -5.07
C16 ESS E . 10.59 17.22 -5.63
C11 ESS E . 14.76 15.27 -5.98
C12 ESS E . 13.30 14.71 -6.05
C13 ESS E . 12.30 15.73 -6.62
C14 ESS E . 10.91 15.10 -6.65
C02 ESS E . 14.33 17.76 -10.55
C04 ESS E . 16.26 16.58 -9.39
C05 ESS E . 17.81 16.78 -9.25
C06 ESS E . 18.58 16.62 -10.57
C07 ESS E . 18.77 15.15 -10.96
C08 ESS E . 19.98 17.24 -10.50
C09 ESS E . 15.63 16.57 -7.95
N03 ESS E . 15.69 17.66 -10.23
N15 ESS E . 9.98 15.96 -6.09
N27 ESS E . 8.70 20.35 -12.61
O01 ESS E . 13.50 16.93 -10.18
O18 ESS E . 10.61 14.00 -7.10
O20 ESS E . 16.85 14.96 -4.92
O21 ESS E . 15.39 17.63 -7.38
O22 ESS E . 13.92 18.83 -11.34
C33 ET6 F . 11.28 18.92 -11.01
C32 ET6 F . 9.57 20.97 -11.45
N10 ET6 F . 15.42 15.41 -7.37
C23 ET6 F . 12.69 19.58 -10.96
C24 ET6 F . 12.17 20.51 -12.13
C25 ET6 F . 10.71 20.03 -11.94
C26 ET6 F . 9.74 19.65 -13.11
C17 ET6 F . 12.20 16.96 -5.63
C19 ET6 F . 15.82 14.38 -5.15
C16 ET6 F . 10.66 17.20 -5.62
C11 ET6 F . 14.90 15.33 -5.99
C12 ET6 F . 13.44 14.76 -6.00
C13 ET6 F . 12.43 15.78 -6.58
C14 ET6 F . 11.07 15.12 -6.69
C02 ET6 F . 14.35 17.80 -10.52
C04 ET6 F . 16.32 16.61 -9.44
C05 ET6 F . 17.86 16.83 -9.33
C06 ET6 F . 18.63 16.60 -10.66
C07 ET6 F . 18.77 15.11 -10.97
C08 ET6 F . 20.03 17.18 -10.63
C09 ET6 F . 15.76 16.62 -7.97
N03 ET6 F . 15.71 17.69 -10.26
N15 ET6 F . 10.10 15.94 -6.14
N27 ET6 F . 8.60 20.32 -12.40
O01 ET6 F . 13.52 16.97 -10.12
O18 ET6 F . 10.81 14.03 -7.18
O20 ET6 F . 15.23 14.27 -3.88
O21 ET6 F . 15.61 17.66 -7.36
O22 ET6 F . 13.91 18.88 -11.26
O1 PG4 G . -9.23 -23.05 -12.09
C1 PG4 G . -9.06 -24.38 -12.56
C2 PG4 G . -9.01 -24.43 -14.05
O2 PG4 G . -10.29 -24.09 -14.56
C3 PG4 G . -10.28 -23.75 -15.94
C4 PG4 G . -11.70 -23.66 -16.41
O3 PG4 G . -12.29 -24.95 -16.31
C5 PG4 G . -13.68 -24.82 -16.57
C6 PG4 G . -14.32 -26.15 -16.34
O4 PG4 G . -13.88 -27.05 -17.34
C7 PG4 G . -14.19 -28.36 -16.90
C8 PG4 G . -13.71 -29.34 -17.93
O5 PG4 G . -12.29 -29.32 -17.97
#